data_4UUX
#
_entry.id   4UUX
#
_cell.length_a   73.390
_cell.length_b   94.030
_cell.length_c   132.380
_cell.angle_alpha   90.00
_cell.angle_beta   90.00
_cell.angle_gamma   90.00
#
_symmetry.space_group_name_H-M   'P 21 21 21'
#
loop_
_entity.id
_entity.type
_entity.pdbx_description
1 polymer CINA
2 non-polymer ADENOSINE-5-DIPHOSPHORIBOSE
3 non-polymer 'MAGNESIUM ION'
4 non-polymer 'SULFATE ION'
5 water water
#
_entity_poly.entity_id   1
_entity_poly.type   'polypeptide(L)'
_entity_poly.pdbx_seq_one_letter_code
;MERAEILGVGTELLYGETLDTNTAEIARSLKPYALKVERTLRVADEVAPLAREVEEAFARARLVVLSGGLGPTPDDVTRE
AVALALGEPLELDEAVLGEIEAFFRARGRAMPEANRKQAMRIPSATWLKNPRGTAPGWWVRKGGKDLVLLPGPPPEWRPM
WQEVLPRLGLPRRPYAERVLKTWGIGESEIVERLGPLFVRGEEVEVGTYPKVHGVEVVVRGREDRVAELAERIKKKLLKE
VWGEGEMTLAEAVKRRMEREGATLSTMESLTGGLLGAEITRVPGASRFYLGGVVSYSVGAKARFGVPQDLLSRTVSAETA
RAMAEAARSLFGSTYALATTGVAGPDPLEGEPPGTVYVALAGPTGAEVRRYRFPGDRETVRLRSVYAALALLVT
;
_entity_poly.pdbx_strand_id   A,B
#
loop_
_chem_comp.id
_chem_comp.type
_chem_comp.name
_chem_comp.formula
APR non-polymer ADENOSINE-5-DIPHOSPHORIBOSE 'C15 H23 N5 O14 P2'
MG non-polymer 'MAGNESIUM ION' 'Mg 2'
SO4 non-polymer 'SULFATE ION' 'O4 S -2'
#
# COMPACT_ATOMS: atom_id res chain seq x y z
N MET A 1 -10.47 27.91 -15.46
CA MET A 1 -9.81 26.65 -16.01
C MET A 1 -10.86 25.56 -16.21
N GLU A 2 -10.97 24.98 -17.40
CA GLU A 2 -12.04 23.99 -17.65
C GLU A 2 -11.65 22.60 -17.09
N ARG A 3 -12.59 21.69 -17.03
CA ARG A 3 -12.44 20.35 -16.44
C ARG A 3 -12.10 19.24 -17.43
N ALA A 4 -11.32 18.28 -16.94
CA ALA A 4 -11.10 17.02 -17.63
C ALA A 4 -11.69 15.94 -16.73
N GLU A 5 -12.49 15.08 -17.32
CA GLU A 5 -13.12 14.00 -16.56
C GLU A 5 -12.57 12.69 -17.04
N ILE A 6 -12.30 11.74 -16.11
CA ILE A 6 -11.69 10.52 -16.45
C ILE A 6 -12.44 9.40 -15.82
N LEU A 7 -12.90 8.45 -16.63
CA LEU A 7 -13.71 7.35 -16.12
C LEU A 7 -13.07 6.00 -16.46
N GLY A 8 -12.69 5.23 -15.46
CA GLY A 8 -12.32 3.87 -15.70
C GLY A 8 -13.52 2.96 -15.64
N VAL A 9 -13.73 2.21 -16.73
CA VAL A 9 -14.92 1.37 -16.77
C VAL A 9 -14.52 -0.07 -16.44
N GLY A 10 -15.31 -0.69 -15.59
CA GLY A 10 -15.10 -2.11 -15.26
C GLY A 10 -15.50 -2.42 -13.80
N THR A 11 -16.45 -3.33 -13.62
CA THR A 11 -16.89 -3.73 -12.33
C THR A 11 -15.76 -4.20 -11.45
N GLU A 12 -14.84 -4.95 -12.02
CA GLU A 12 -13.67 -5.37 -11.24
C GLU A 12 -12.81 -4.23 -10.65
N LEU A 13 -12.84 -3.05 -11.29
CA LEU A 13 -12.06 -1.88 -10.77
C LEU A 13 -12.64 -1.37 -9.43
N LEU A 14 -13.97 -1.44 -9.31
CA LEU A 14 -14.67 -0.99 -8.14
C LEU A 14 -14.17 -1.76 -6.91
N TYR A 15 -13.99 -3.07 -7.08
CA TYR A 15 -13.63 -3.98 -5.96
C TYR A 15 -12.13 -4.21 -5.87
N GLY A 16 -11.37 -3.58 -6.73
CA GLY A 16 -9.94 -3.89 -6.71
C GLY A 16 -9.55 -5.26 -7.25
N GLU A 17 -10.45 -6.05 -7.83
CA GLU A 17 -10.06 -7.28 -8.57
C GLU A 17 -9.04 -6.94 -9.68
N THR A 18 -9.23 -5.80 -10.33
CA THR A 18 -8.19 -5.18 -11.17
C THR A 18 -7.89 -3.86 -10.51
N LEU A 19 -6.64 -3.56 -10.34
CA LEU A 19 -6.25 -2.32 -9.70
C LEU A 19 -6.29 -1.14 -10.76
N ASP A 20 -7.05 -0.08 -10.51
CA ASP A 20 -7.23 1.00 -11.50
C ASP A 20 -6.06 1.92 -11.44
N THR A 21 -5.07 1.65 -12.28
CA THR A 21 -4.01 2.56 -12.49
C THR A 21 -4.32 3.47 -13.73
N ASN A 22 -5.18 2.99 -14.64
CA ASN A 22 -5.49 3.79 -15.86
C ASN A 22 -5.90 5.24 -15.54
N THR A 23 -6.93 5.44 -14.69
CA THR A 23 -7.43 6.82 -14.50
C THR A 23 -6.34 7.75 -13.99
N ALA A 24 -5.50 7.24 -13.10
CA ALA A 24 -4.45 8.10 -12.51
C ALA A 24 -3.35 8.40 -13.56
N GLU A 25 -2.99 7.38 -14.33
CA GLU A 25 -1.97 7.55 -15.36
C GLU A 25 -2.49 8.63 -16.40
N ILE A 26 -3.75 8.54 -16.76
CA ILE A 26 -4.32 9.60 -17.68
C ILE A 26 -4.31 10.94 -17.02
N ALA A 27 -4.73 11.02 -15.74
CA ALA A 27 -4.66 12.29 -15.07
C ALA A 27 -3.24 12.82 -15.06
N ARG A 28 -2.23 11.96 -14.84
CA ARG A 28 -0.85 12.51 -14.80
C ARG A 28 -0.41 13.04 -16.19
N SER A 29 -0.87 12.36 -17.26
CA SER A 29 -0.58 12.79 -18.64
C SER A 29 -1.18 14.16 -18.99
N LEU A 30 -2.19 14.56 -18.23
CA LEU A 30 -2.84 15.86 -18.47
C LEU A 30 -2.19 17.04 -17.71
N LYS A 31 -1.18 16.74 -16.91
CA LYS A 31 -0.60 17.83 -16.12
C LYS A 31 -0.04 19.00 -16.99
N PRO A 32 0.51 18.73 -18.18
CA PRO A 32 0.96 19.88 -19.02
C PRO A 32 -0.16 20.75 -19.60
N TYR A 33 -1.43 20.49 -19.27
CA TYR A 33 -2.51 21.20 -19.92
C TYR A 33 -3.28 21.93 -18.90
N ALA A 34 -3.86 23.06 -19.31
CA ALA A 34 -4.68 23.87 -18.41
C ALA A 34 -6.06 23.33 -18.26
N LEU A 35 -6.20 22.16 -17.63
CA LEU A 35 -7.48 21.57 -17.25
C LEU A 35 -7.45 21.14 -15.78
N LYS A 36 -8.58 21.20 -15.13
CA LYS A 36 -8.70 20.79 -13.73
C LYS A 36 -9.27 19.37 -13.72
N VAL A 37 -8.60 18.43 -13.07
CA VAL A 37 -9.19 17.15 -12.78
C VAL A 37 -9.75 17.24 -11.32
N GLU A 38 -11.05 17.34 -11.15
CA GLU A 38 -11.64 17.45 -9.81
C GLU A 38 -11.89 16.09 -9.17
N ARG A 39 -12.04 15.02 -9.99
CA ARG A 39 -12.50 13.71 -9.59
C ARG A 39 -12.15 12.75 -10.70
N THR A 40 -12.00 11.50 -10.34
CA THR A 40 -11.94 10.41 -11.26
C THR A 40 -13.02 9.40 -10.84
N LEU A 41 -13.58 8.67 -11.81
CA LEU A 41 -14.62 7.73 -11.48
C LEU A 41 -14.16 6.35 -11.90
N ARG A 42 -14.72 5.32 -11.22
CA ARG A 42 -14.64 3.97 -11.73
C ARG A 42 -16.10 3.60 -11.77
N VAL A 43 -16.53 2.91 -12.85
CA VAL A 43 -17.94 2.64 -13.06
C VAL A 43 -18.16 1.18 -13.44
N ALA A 44 -19.23 0.63 -12.90
CA ALA A 44 -19.65 -0.75 -13.22
C ALA A 44 -19.95 -0.96 -14.67
N ASP A 45 -19.78 -2.19 -15.17
CA ASP A 45 -20.07 -2.51 -16.57
C ASP A 45 -21.58 -2.63 -16.74
N GLU A 46 -22.32 -1.55 -16.53
CA GLU A 46 -23.81 -1.58 -16.79
C GLU A 46 -24.17 -0.39 -17.59
N VAL A 47 -24.98 -0.59 -18.63
CA VAL A 47 -25.13 0.48 -19.66
C VAL A 47 -25.85 1.71 -19.14
N ALA A 48 -26.89 1.53 -18.31
CA ALA A 48 -27.65 2.66 -17.72
C ALA A 48 -26.86 3.56 -16.77
N PRO A 49 -26.29 2.99 -15.70
CA PRO A 49 -25.41 3.83 -14.86
C PRO A 49 -24.22 4.43 -15.64
N LEU A 50 -23.61 3.67 -16.56
CA LEU A 50 -22.45 4.16 -17.28
C LEU A 50 -22.87 5.35 -18.16
N ALA A 51 -24.01 5.21 -18.86
CA ALA A 51 -24.47 6.32 -19.72
C ALA A 51 -24.79 7.58 -18.91
N ARG A 52 -25.45 7.40 -17.79
CA ARG A 52 -25.70 8.56 -16.85
C ARG A 52 -24.36 9.25 -16.45
N GLU A 53 -23.33 8.49 -16.11
CA GLU A 53 -22.08 9.12 -15.66
C GLU A 53 -21.37 9.81 -16.81
N VAL A 54 -21.37 9.17 -18.00
CA VAL A 54 -20.82 9.81 -19.19
C VAL A 54 -21.55 11.09 -19.54
N GLU A 55 -22.86 11.02 -19.51
CA GLU A 55 -23.63 12.24 -19.81
C GLU A 55 -23.28 13.36 -18.88
N GLU A 56 -23.28 13.04 -17.58
CA GLU A 56 -22.94 14.07 -16.55
C GLU A 56 -21.53 14.60 -16.78
N ALA A 57 -20.55 13.67 -16.95
CA ALA A 57 -19.12 14.06 -17.20
C ALA A 57 -18.97 14.97 -18.42
N PHE A 58 -19.57 14.56 -19.54
CA PHE A 58 -19.50 15.36 -20.79
C PHE A 58 -20.08 16.78 -20.65
N ALA A 59 -21.24 16.87 -20.03
CA ALA A 59 -21.86 18.17 -19.73
C ALA A 59 -20.93 19.12 -18.99
N ARG A 60 -20.14 18.62 -18.04
CA ARG A 60 -19.33 19.55 -17.26
C ARG A 60 -17.89 19.78 -17.75
N ALA A 61 -17.48 19.11 -18.81
CA ALA A 61 -16.04 19.03 -19.11
C ALA A 61 -15.65 19.42 -20.54
N ARG A 62 -14.43 19.90 -20.71
CA ARG A 62 -13.81 20.17 -21.99
C ARG A 62 -13.32 18.83 -22.55
N LEU A 63 -12.99 17.88 -21.66
CA LEU A 63 -12.44 16.64 -22.14
C LEU A 63 -13.00 15.52 -21.27
N VAL A 64 -13.47 14.44 -21.89
CA VAL A 64 -13.77 13.22 -21.19
C VAL A 64 -12.91 12.07 -21.69
N VAL A 65 -12.31 11.26 -20.79
CA VAL A 65 -11.51 10.10 -21.26
C VAL A 65 -12.04 8.88 -20.56
N LEU A 66 -12.31 7.80 -21.32
CA LEU A 66 -12.72 6.53 -20.80
C LEU A 66 -11.75 5.42 -21.19
N SER A 67 -11.57 4.43 -20.28
CA SER A 67 -10.87 3.21 -20.65
C SER A 67 -11.73 2.00 -20.29
N GLY A 68 -11.57 0.94 -21.08
CA GLY A 68 -12.18 -0.35 -20.80
C GLY A 68 -13.60 -0.54 -21.29
N GLY A 69 -14.03 -1.81 -21.27
CA GLY A 69 -15.33 -2.24 -21.73
C GLY A 69 -15.50 -2.14 -23.26
N LEU A 70 -14.38 -2.12 -24.00
CA LEU A 70 -14.39 -2.19 -25.47
C LEU A 70 -14.28 -3.60 -26.06
N GLY A 71 -14.24 -4.60 -25.18
CA GLY A 71 -14.30 -5.99 -25.60
C GLY A 71 -15.55 -6.45 -26.36
N PRO A 72 -15.62 -7.78 -26.69
CA PRO A 72 -16.70 -8.31 -27.51
C PRO A 72 -17.83 -8.97 -26.70
N THR A 73 -17.75 -9.04 -25.36
CA THR A 73 -18.64 -9.81 -24.49
C THR A 73 -19.88 -8.99 -24.13
N PRO A 74 -20.93 -9.66 -23.63
CA PRO A 74 -22.13 -8.89 -23.31
C PRO A 74 -21.86 -7.85 -22.20
N ASP A 75 -20.79 -8.02 -21.44
CA ASP A 75 -20.50 -7.14 -20.36
C ASP A 75 -19.67 -5.97 -20.79
N ASP A 76 -19.32 -5.91 -22.08
CA ASP A 76 -18.63 -4.77 -22.68
C ASP A 76 -19.63 -3.80 -23.27
N VAL A 77 -19.92 -2.71 -22.55
CA VAL A 77 -21.06 -1.82 -22.90
C VAL A 77 -20.69 -0.37 -23.08
N THR A 78 -19.38 -0.09 -23.10
CA THR A 78 -18.96 1.29 -23.14
C THR A 78 -19.43 2.06 -24.41
N ARG A 79 -19.32 1.43 -25.59
CA ARG A 79 -19.72 2.07 -26.85
C ARG A 79 -21.19 2.35 -26.76
N GLU A 80 -21.95 1.40 -26.29
CA GLU A 80 -23.45 1.58 -26.16
C GLU A 80 -23.78 2.70 -25.19
N ALA A 81 -23.12 2.71 -24.02
CA ALA A 81 -23.32 3.82 -23.04
C ALA A 81 -22.96 5.20 -23.59
N VAL A 82 -21.83 5.33 -24.29
CA VAL A 82 -21.46 6.62 -24.84
C VAL A 82 -22.52 7.11 -25.88
N ALA A 83 -22.93 6.23 -26.80
CA ALA A 83 -23.93 6.52 -27.83
C ALA A 83 -25.24 6.99 -27.15
N LEU A 84 -25.67 6.23 -26.16
CA LEU A 84 -26.79 6.61 -25.33
C LEU A 84 -26.61 7.97 -24.65
N ALA A 85 -25.45 8.18 -24.01
CA ALA A 85 -25.21 9.40 -23.29
C ALA A 85 -25.16 10.60 -24.26
N LEU A 86 -24.69 10.39 -25.47
CA LEU A 86 -24.48 11.53 -26.37
C LEU A 86 -25.66 11.68 -27.38
N GLY A 87 -26.67 10.81 -27.30
CA GLY A 87 -27.85 10.93 -28.16
C GLY A 87 -27.50 10.68 -29.63
N GLU A 88 -26.62 9.71 -29.92
CA GLU A 88 -26.24 9.38 -31.31
C GLU A 88 -26.31 7.88 -31.50
N PRO A 89 -26.67 7.40 -32.74
CA PRO A 89 -26.77 5.96 -32.96
C PRO A 89 -25.41 5.36 -33.33
N LEU A 90 -25.21 4.10 -32.99
CA LEU A 90 -24.03 3.36 -33.39
C LEU A 90 -24.19 2.93 -34.83
N GLU A 91 -23.10 3.03 -35.60
CA GLU A 91 -23.12 2.63 -37.03
C GLU A 91 -21.96 1.67 -37.34
N LEU A 92 -22.25 0.60 -38.09
CA LEU A 92 -21.27 -0.39 -38.46
C LEU A 92 -20.30 0.22 -39.47
N ASP A 93 -19.01 0.17 -39.18
CA ASP A 93 -18.03 0.58 -40.20
C ASP A 93 -17.47 -0.69 -40.88
N GLU A 94 -17.83 -0.89 -42.16
CA GLU A 94 -17.53 -2.17 -42.85
C GLU A 94 -16.01 -2.38 -42.99
N ALA A 95 -15.28 -1.30 -43.24
CA ALA A 95 -13.81 -1.40 -43.31
C ALA A 95 -13.17 -1.84 -41.96
N VAL A 96 -13.59 -1.23 -40.85
CA VAL A 96 -13.12 -1.71 -39.55
C VAL A 96 -13.50 -3.19 -39.27
N LEU A 97 -14.72 -3.58 -39.66
CA LEU A 97 -15.15 -4.99 -39.51
C LEU A 97 -14.23 -5.92 -40.34
N GLY A 98 -13.86 -5.52 -41.57
CA GLY A 98 -12.88 -6.29 -42.32
C GLY A 98 -11.54 -6.36 -41.59
N GLU A 99 -11.10 -5.26 -40.97
CA GLU A 99 -9.83 -5.32 -40.16
C GLU A 99 -9.90 -6.31 -39.00
N ILE A 100 -11.03 -6.31 -38.30
CA ILE A 100 -11.28 -7.30 -37.25
C ILE A 100 -11.25 -8.75 -37.82
N GLU A 101 -11.90 -8.94 -38.96
CA GLU A 101 -11.88 -10.26 -39.60
C GLU A 101 -10.45 -10.65 -39.97
N ALA A 102 -9.67 -9.69 -40.50
CA ALA A 102 -8.18 -9.89 -40.70
C ALA A 102 -7.43 -10.30 -39.40
N PHE A 103 -7.73 -9.66 -38.26
CA PHE A 103 -7.08 -10.02 -36.99
C PHE A 103 -7.25 -11.50 -36.65
N PHE A 104 -8.47 -12.04 -36.87
CA PHE A 104 -8.73 -13.45 -36.53
C PHE A 104 -8.16 -14.38 -37.58
N ARG A 105 -8.35 -14.01 -38.85
CA ARG A 105 -7.73 -14.74 -39.96
C ARG A 105 -6.18 -14.82 -39.75
N ALA A 106 -5.55 -13.71 -39.34
CA ALA A 106 -4.07 -13.62 -39.08
C ALA A 106 -3.57 -14.64 -38.05
N ARG A 107 -4.52 -15.27 -37.34
CA ARG A 107 -4.20 -16.27 -36.28
C ARG A 107 -4.92 -17.57 -36.54
N GLY A 108 -5.40 -17.76 -37.77
CA GLY A 108 -6.03 -19.01 -38.20
C GLY A 108 -7.48 -19.24 -37.80
N ARG A 109 -8.23 -18.18 -37.49
CA ARG A 109 -9.58 -18.37 -36.91
C ARG A 109 -10.61 -17.53 -37.64
N ALA A 110 -11.86 -18.00 -37.68
CA ALA A 110 -12.97 -17.20 -38.21
C ALA A 110 -13.16 -16.08 -37.16
N MET A 111 -13.72 -14.94 -37.52
CA MET A 111 -14.11 -13.96 -36.49
C MET A 111 -15.41 -14.41 -35.72
N PRO A 112 -15.35 -14.60 -34.38
CA PRO A 112 -16.60 -14.91 -33.65
C PRO A 112 -17.60 -13.79 -33.78
N GLU A 113 -18.89 -14.12 -33.75
CA GLU A 113 -19.83 -13.04 -34.16
C GLU A 113 -19.87 -11.91 -33.12
N ALA A 114 -19.58 -12.27 -31.88
CA ALA A 114 -19.54 -11.29 -30.77
C ALA A 114 -18.63 -10.07 -31.15
N ASN A 115 -17.55 -10.29 -31.95
CA ASN A 115 -16.60 -9.20 -32.24
C ASN A 115 -17.10 -8.14 -33.21
N ARG A 116 -18.26 -8.42 -33.83
CA ARG A 116 -18.88 -7.49 -34.81
C ARG A 116 -19.13 -6.12 -34.25
N LYS A 117 -19.61 -6.07 -33.01
CA LYS A 117 -19.98 -4.79 -32.39
C LYS A 117 -18.78 -3.83 -32.15
N GLN A 118 -17.56 -4.39 -32.20
CA GLN A 118 -16.36 -3.60 -32.05
C GLN A 118 -16.11 -2.69 -33.26
N ALA A 119 -16.84 -2.93 -34.37
CA ALA A 119 -16.76 -2.03 -35.52
C ALA A 119 -17.82 -0.95 -35.56
N MET A 120 -18.56 -0.79 -34.47
CA MET A 120 -19.56 0.27 -34.38
C MET A 120 -18.98 1.62 -33.80
N ARG A 121 -19.42 2.74 -34.35
CA ARG A 121 -19.03 4.06 -33.85
C ARG A 121 -20.18 4.96 -34.17
N ILE A 122 -20.27 6.07 -33.44
CA ILE A 122 -21.23 7.11 -33.72
C ILE A 122 -20.72 8.07 -34.76
N PRO A 123 -21.65 8.80 -35.43
CA PRO A 123 -21.29 9.78 -36.44
C PRO A 123 -20.25 10.76 -35.95
N SER A 124 -20.29 11.19 -34.66
CA SER A 124 -19.32 12.22 -34.21
C SER A 124 -17.91 11.68 -33.92
N ALA A 125 -17.73 10.38 -34.03
CA ALA A 125 -16.46 9.71 -33.70
C ALA A 125 -15.59 9.40 -34.93
N THR A 126 -14.29 9.70 -34.85
CA THR A 126 -13.33 9.06 -35.73
C THR A 126 -12.66 7.96 -34.95
N TRP A 127 -12.11 7.02 -35.69
CA TRP A 127 -11.40 5.87 -35.16
C TRP A 127 -9.98 6.19 -34.70
N LEU A 128 -9.58 5.52 -33.64
CA LEU A 128 -8.17 5.52 -33.15
C LEU A 128 -7.63 4.14 -33.40
N LYS A 129 -6.61 4.04 -34.25
CA LYS A 129 -6.13 2.68 -34.61
C LYS A 129 -5.54 1.97 -33.41
N ASN A 130 -5.76 0.68 -33.37
CA ASN A 130 -5.17 -0.16 -32.35
C ASN A 130 -4.40 -1.33 -33.05
N PRO A 131 -3.09 -1.15 -33.32
CA PRO A 131 -2.43 -2.36 -33.94
C PRO A 131 -2.10 -3.49 -32.91
N ARG A 132 -2.52 -3.35 -31.64
CA ARG A 132 -2.20 -4.38 -30.63
C ARG A 132 -3.33 -5.24 -30.12
N GLY A 133 -4.53 -5.05 -30.65
CA GLY A 133 -5.71 -5.72 -30.09
C GLY A 133 -6.81 -5.40 -31.07
N THR A 134 -7.98 -6.00 -30.88
CA THR A 134 -9.05 -5.87 -31.86
C THR A 134 -9.90 -4.60 -31.76
N ALA A 135 -9.96 -3.95 -30.60
CA ALA A 135 -10.87 -2.82 -30.44
C ALA A 135 -10.17 -1.50 -30.79
N PRO A 136 -10.65 -0.83 -31.85
CA PRO A 136 -10.13 0.53 -32.08
C PRO A 136 -10.78 1.48 -31.09
N GLY A 137 -10.14 2.60 -30.81
CA GLY A 137 -10.72 3.55 -29.88
C GLY A 137 -11.60 4.52 -30.63
N TRP A 138 -12.23 5.45 -29.91
CA TRP A 138 -12.91 6.59 -30.53
C TRP A 138 -12.34 7.90 -30.06
N TRP A 139 -12.38 8.87 -30.97
CA TRP A 139 -12.21 10.29 -30.71
C TRP A 139 -13.46 10.98 -31.17
N VAL A 140 -14.26 11.45 -30.22
CA VAL A 140 -15.51 12.17 -30.50
C VAL A 140 -15.23 13.68 -30.26
N ARG A 141 -15.44 14.50 -31.31
CA ARG A 141 -15.35 15.96 -31.17
C ARG A 141 -16.78 16.44 -31.36
N LYS A 142 -17.29 17.15 -30.40
CA LYS A 142 -18.72 17.47 -30.40
C LYS A 142 -18.95 18.65 -29.46
N GLY A 143 -19.45 19.76 -30.01
CA GLY A 143 -19.80 20.92 -29.20
C GLY A 143 -18.57 21.57 -28.62
N GLY A 144 -17.47 21.58 -29.38
CA GLY A 144 -16.18 22.13 -28.94
C GLY A 144 -15.56 21.25 -27.83
N LYS A 145 -16.17 20.10 -27.50
CA LYS A 145 -15.65 19.18 -26.45
C LYS A 145 -15.06 17.89 -27.04
N ASP A 146 -14.15 17.26 -26.32
CA ASP A 146 -13.55 15.99 -26.75
C ASP A 146 -13.91 14.89 -25.80
N LEU A 147 -14.21 13.72 -26.37
CA LEU A 147 -14.44 12.49 -25.61
C LEU A 147 -13.65 11.40 -26.29
N VAL A 148 -12.76 10.76 -25.51
CA VAL A 148 -11.91 9.71 -26.03
C VAL A 148 -12.22 8.39 -25.33
N LEU A 149 -12.41 7.34 -26.15
CA LEU A 149 -12.57 5.98 -25.67
C LEU A 149 -11.34 5.14 -25.95
N LEU A 150 -10.82 4.52 -24.89
CA LEU A 150 -9.61 3.74 -25.02
C LEU A 150 -9.87 2.30 -24.51
N PRO A 151 -9.14 1.30 -25.07
CA PRO A 151 -9.22 -0.03 -24.56
C PRO A 151 -8.58 -0.16 -23.16
N GLY A 152 -9.06 -1.13 -22.39
CA GLY A 152 -8.59 -1.34 -21.00
C GLY A 152 -7.09 -1.61 -20.87
N PRO A 153 -6.55 -2.57 -21.63
CA PRO A 153 -5.10 -2.95 -21.40
C PRO A 153 -4.10 -1.77 -21.66
N PRO A 154 -3.25 -1.44 -20.67
CA PRO A 154 -2.25 -0.39 -20.86
C PRO A 154 -1.40 -0.61 -22.14
N PRO A 155 -0.97 -1.85 -22.48
CA PRO A 155 -0.10 -1.91 -23.68
C PRO A 155 -0.84 -1.48 -24.94
N GLU A 156 -2.17 -1.53 -24.93
CA GLU A 156 -2.96 -1.13 -26.07
C GLU A 156 -3.24 0.35 -26.09
N TRP A 157 -3.83 0.88 -25.00
CA TRP A 157 -4.17 2.28 -24.98
C TRP A 157 -2.96 3.22 -24.87
N ARG A 158 -1.88 2.83 -24.20
CA ARG A 158 -0.84 3.84 -24.03
C ARG A 158 -0.33 4.51 -25.31
N PRO A 159 0.00 3.73 -26.35
CA PRO A 159 0.43 4.39 -27.61
C PRO A 159 -0.74 5.16 -28.28
N MET A 160 -1.95 4.64 -28.14
CA MET A 160 -3.10 5.34 -28.73
C MET A 160 -3.32 6.71 -28.13
N TRP A 161 -3.21 6.76 -26.80
CA TRP A 161 -3.38 8.02 -26.08
C TRP A 161 -2.30 9.02 -26.37
N GLN A 162 -1.08 8.54 -26.40
CA GLN A 162 0.07 9.39 -26.65
C GLN A 162 -0.02 10.02 -28.04
N GLU A 163 -0.58 9.28 -29.00
CA GLU A 163 -0.76 9.81 -30.35
C GLU A 163 -1.90 10.85 -30.45
N VAL A 164 -3.10 10.54 -29.92
CA VAL A 164 -4.26 11.44 -30.02
C VAL A 164 -4.13 12.67 -29.12
N LEU A 165 -3.48 12.51 -27.97
CA LEU A 165 -3.52 13.63 -26.96
C LEU A 165 -3.09 15.04 -27.51
N PRO A 166 -1.97 15.10 -28.25
CA PRO A 166 -1.51 16.40 -28.76
C PRO A 166 -2.36 16.86 -29.96
N ARG A 167 -3.25 16.03 -30.50
CA ARG A 167 -4.21 16.44 -31.53
C ARG A 167 -5.47 17.16 -31.02
N LEU A 168 -5.74 17.01 -29.73
CA LEU A 168 -7.02 17.48 -29.15
C LEU A 168 -7.10 18.98 -29.02
N GLY A 169 -5.97 19.67 -29.19
CA GLY A 169 -5.95 21.11 -29.15
C GLY A 169 -6.19 21.63 -27.74
N LEU A 170 -5.77 20.86 -26.71
CA LEU A 170 -5.99 21.34 -25.30
C LEU A 170 -5.07 22.52 -24.96
N PRO A 171 -5.57 23.44 -24.13
CA PRO A 171 -4.80 24.61 -23.78
C PRO A 171 -3.64 24.14 -22.90
N ARG A 172 -2.43 24.60 -23.18
CA ARG A 172 -1.24 24.18 -22.49
C ARG A 172 -0.93 25.17 -21.35
N ARG A 173 -0.35 24.70 -20.25
CA ARG A 173 0.21 25.60 -19.22
C ARG A 173 1.49 25.01 -18.66
N PRO A 174 2.51 25.85 -18.45
CA PRO A 174 3.84 25.31 -18.09
C PRO A 174 3.71 24.76 -16.61
N TYR A 175 3.79 23.46 -16.45
CA TYR A 175 3.52 22.82 -15.15
C TYR A 175 4.80 22.41 -14.45
N ALA A 176 4.85 22.51 -13.12
CA ALA A 176 5.96 21.86 -12.42
C ALA A 176 5.43 21.32 -11.11
N GLU A 177 6.15 20.36 -10.53
CA GLU A 177 5.83 19.99 -9.15
C GLU A 177 7.13 19.73 -8.39
N ARG A 178 7.09 19.94 -7.09
CA ARG A 178 8.26 19.68 -6.21
C ARG A 178 7.76 18.96 -5.00
N VAL A 179 8.43 17.88 -4.65
CA VAL A 179 8.06 17.09 -3.43
C VAL A 179 9.20 17.24 -2.39
N LEU A 180 8.91 17.81 -1.21
CA LEU A 180 9.88 17.93 -0.12
C LEU A 180 9.55 16.85 0.93
N LYS A 181 10.54 16.04 1.29
CA LYS A 181 10.34 14.94 2.23
C LYS A 181 10.97 15.35 3.56
N THR A 182 10.13 15.41 4.60
CA THR A 182 10.51 15.88 5.93
C THR A 182 10.40 14.75 6.98
N TRP A 183 11.10 14.97 8.08
CA TRP A 183 11.01 14.06 9.24
C TRP A 183 11.09 14.88 10.50
N GLY A 184 10.30 14.48 11.48
CA GLY A 184 10.38 14.99 12.87
C GLY A 184 9.62 16.29 13.06
N ILE A 185 8.66 16.56 12.16
CA ILE A 185 7.82 17.76 12.31
C ILE A 185 6.42 17.34 11.92
N GLY A 186 5.42 17.70 12.74
CA GLY A 186 4.08 17.22 12.47
C GLY A 186 3.42 18.16 11.45
N GLU A 187 2.28 17.73 10.95
CA GLU A 187 1.50 18.56 9.99
C GLU A 187 1.10 19.91 10.50
N SER A 188 0.60 19.97 11.75
CA SER A 188 0.25 21.28 12.36
C SER A 188 1.42 22.26 12.45
N GLU A 189 2.60 21.77 12.86
CA GLU A 189 3.78 22.69 12.94
C GLU A 189 4.12 23.19 11.56
N ILE A 190 4.01 22.25 10.62
CA ILE A 190 4.23 22.64 9.26
C ILE A 190 3.24 23.70 8.89
N VAL A 191 1.96 23.44 9.11
CA VAL A 191 0.93 24.52 8.83
C VAL A 191 1.39 25.88 9.45
N GLU A 192 1.61 25.87 10.76
CA GLU A 192 2.07 27.11 11.42
C GLU A 192 3.37 27.68 10.91
N ARG A 193 4.37 26.84 10.63
CA ARG A 193 5.63 27.42 10.15
C ARG A 193 5.42 28.10 8.83
N LEU A 194 4.65 27.41 7.97
CA LEU A 194 4.41 27.95 6.63
C LEU A 194 3.47 29.09 6.68
N GLY A 195 2.43 28.96 7.49
CA GLY A 195 1.49 30.07 7.61
C GLY A 195 0.89 30.33 6.23
N PRO A 196 1.02 31.58 5.71
CA PRO A 196 0.38 31.99 4.46
C PRO A 196 0.99 31.28 3.21
N LEU A 197 2.16 30.65 3.38
CA LEU A 197 2.85 29.93 2.28
C LEU A 197 2.04 28.70 1.87
N PHE A 198 1.16 28.20 2.77
CA PHE A 198 0.38 27.03 2.53
C PHE A 198 -0.78 27.45 1.57
N VAL A 199 -0.40 27.89 0.37
CA VAL A 199 -1.31 28.46 -0.66
C VAL A 199 -2.23 27.38 -1.23
N ARG A 200 -3.48 27.74 -1.45
CA ARG A 200 -4.34 26.87 -2.22
C ARG A 200 -5.12 27.71 -3.24
N GLY A 201 -4.45 28.13 -4.33
CA GLY A 201 -5.04 28.95 -5.40
C GLY A 201 -5.22 28.12 -6.66
N GLU A 202 -5.77 28.74 -7.71
CA GLU A 202 -5.96 28.00 -8.96
C GLU A 202 -4.64 27.85 -9.73
N GLU A 203 -3.73 28.81 -9.65
CA GLU A 203 -2.48 28.70 -10.38
C GLU A 203 -1.40 27.78 -9.72
N VAL A 204 -1.50 27.60 -8.41
CA VAL A 204 -0.51 26.90 -7.58
C VAL A 204 -1.15 26.46 -6.26
N GLU A 205 -0.76 25.27 -5.79
CA GLU A 205 -1.23 24.82 -4.51
C GLU A 205 -0.11 24.03 -3.78
N VAL A 206 -0.27 23.98 -2.46
CA VAL A 206 0.65 23.33 -1.53
C VAL A 206 -0.20 22.30 -0.80
N GLY A 207 0.35 21.10 -0.63
CA GLY A 207 -0.35 20.07 0.11
C GLY A 207 0.64 19.35 1.04
N THR A 208 0.08 18.69 2.06
CA THR A 208 0.89 17.78 2.86
C THR A 208 0.30 16.44 2.90
N TYR A 209 1.22 15.47 2.93
CA TYR A 209 0.91 14.03 2.87
C TYR A 209 1.66 13.33 4.01
N PRO A 210 0.94 12.98 5.10
CA PRO A 210 1.58 12.36 6.29
C PRO A 210 1.88 10.94 5.96
N LYS A 211 3.15 10.54 5.96
CA LYS A 211 3.49 9.15 5.72
C LYS A 211 4.19 8.58 6.99
N VAL A 212 4.34 7.28 7.04
CA VAL A 212 5.16 6.64 8.13
C VAL A 212 6.61 7.12 8.09
N HIS A 213 7.09 7.54 6.90
CA HIS A 213 8.44 8.06 6.71
C HIS A 213 8.51 9.55 6.83
N GLY A 214 7.43 10.17 7.32
CA GLY A 214 7.47 11.59 7.65
C GLY A 214 6.47 12.39 6.75
N VAL A 215 6.30 13.67 6.99
CA VAL A 215 5.36 14.43 6.16
C VAL A 215 6.01 14.93 4.82
N GLU A 216 5.43 14.53 3.70
CA GLU A 216 5.83 15.11 2.42
C GLU A 216 5.10 16.40 2.15
N VAL A 217 5.79 17.39 1.67
CA VAL A 217 5.16 18.65 1.33
C VAL A 217 5.23 18.75 -0.20
N VAL A 218 4.07 18.90 -0.84
CA VAL A 218 4.04 18.97 -2.31
C VAL A 218 3.57 20.36 -2.77
N VAL A 219 4.34 20.98 -3.67
CA VAL A 219 3.95 22.16 -4.35
C VAL A 219 3.76 21.82 -5.86
N ARG A 220 2.65 22.25 -6.44
CA ARG A 220 2.37 21.85 -7.86
C ARG A 220 1.58 22.96 -8.60
N GLY A 221 1.76 23.08 -9.90
CA GLY A 221 1.00 24.08 -10.70
C GLY A 221 1.98 24.85 -11.56
N ARG A 222 1.69 26.14 -11.75
CA ARG A 222 2.37 26.90 -12.77
C ARG A 222 3.84 26.95 -12.41
N GLU A 223 4.69 26.63 -13.39
CA GLU A 223 6.14 26.44 -13.27
C GLU A 223 6.93 27.51 -12.45
N ASP A 224 6.73 28.78 -12.78
CA ASP A 224 7.39 29.87 -12.01
C ASP A 224 6.90 29.99 -10.56
N ARG A 225 5.57 29.99 -10.40
CA ARG A 225 5.01 29.96 -9.05
C ARG A 225 5.51 28.76 -8.20
N VAL A 226 5.66 27.56 -8.75
CA VAL A 226 6.08 26.43 -7.93
C VAL A 226 7.55 26.61 -7.45
N ALA A 227 8.48 27.05 -8.34
CA ALA A 227 9.91 27.15 -7.97
C ALA A 227 10.15 28.12 -6.82
N GLU A 228 9.50 29.28 -6.84
CA GLU A 228 9.67 30.28 -5.79
C GLU A 228 9.07 29.86 -4.50
N LEU A 229 7.82 29.47 -4.54
CA LEU A 229 7.10 29.02 -3.36
C LEU A 229 7.75 27.78 -2.69
N ALA A 230 8.26 26.84 -3.49
CA ALA A 230 8.92 25.67 -2.96
C ALA A 230 10.28 26.03 -2.34
N GLU A 231 11.00 26.98 -2.96
CA GLU A 231 12.26 27.43 -2.37
C GLU A 231 12.04 28.11 -0.98
N ARG A 232 11.08 29.03 -0.91
CA ARG A 232 10.69 29.65 0.35
C ARG A 232 10.28 28.60 1.36
N ILE A 233 9.48 27.63 0.93
CA ILE A 233 9.04 26.60 1.82
C ILE A 233 10.20 25.77 2.31
N LYS A 234 11.08 25.34 1.40
CA LYS A 234 12.22 24.54 1.79
C LYS A 234 13.11 25.27 2.81
N LYS A 235 13.23 26.59 2.66
CA LYS A 235 14.00 27.40 3.60
C LYS A 235 13.33 27.43 5.01
N LYS A 236 12.00 27.56 5.07
CA LYS A 236 11.27 27.40 6.34
C LYS A 236 11.40 26.04 6.96
N LEU A 237 11.67 24.97 6.18
CA LEU A 237 11.76 23.63 6.73
C LEU A 237 13.18 22.99 6.69
N LEU A 238 14.19 23.80 6.48
CA LEU A 238 15.57 23.32 6.20
C LEU A 238 16.09 22.21 7.09
N LYS A 239 15.96 22.36 8.40
CA LYS A 239 16.38 21.31 9.33
C LYS A 239 15.64 19.97 9.12
N GLU A 240 14.38 20.03 8.68
CA GLU A 240 13.57 18.80 8.61
C GLU A 240 13.50 18.10 7.25
N VAL A 241 13.87 18.82 6.19
CA VAL A 241 13.92 18.23 4.82
C VAL A 241 15.13 17.30 4.74
N TRP A 242 14.92 16.02 4.54
CA TRP A 242 16.01 15.13 4.28
C TRP A 242 16.18 14.67 2.83
N GLY A 243 15.22 14.98 1.95
CA GLY A 243 15.29 14.54 0.53
C GLY A 243 14.16 15.18 -0.30
N GLU A 244 14.20 14.98 -1.63
CA GLU A 244 13.16 15.47 -2.52
C GLU A 244 12.87 14.41 -3.52
N GLY A 245 11.78 14.64 -4.24
CA GLY A 245 11.39 13.81 -5.35
C GLY A 245 11.32 12.36 -5.08
N GLU A 246 12.15 11.57 -5.76
CA GLU A 246 12.04 10.13 -5.58
C GLU A 246 12.97 9.61 -4.41
N MET A 247 13.64 10.51 -3.72
CA MET A 247 14.63 10.11 -2.71
C MET A 247 13.87 9.35 -1.61
N THR A 248 14.52 8.35 -1.02
CA THR A 248 13.97 7.61 0.14
C THR A 248 14.99 7.71 1.29
N LEU A 249 14.52 7.54 2.52
CA LEU A 249 15.41 7.57 3.70
C LEU A 249 16.55 6.56 3.52
N ALA A 250 16.24 5.35 3.03
CA ALA A 250 17.25 4.29 2.90
C ALA A 250 18.28 4.76 1.86
N GLU A 251 17.81 5.38 0.79
CA GLU A 251 18.73 5.89 -0.19
C GLU A 251 19.53 7.04 0.32
N ALA A 252 18.88 7.97 1.03
CA ALA A 252 19.60 9.07 1.65
C ALA A 252 20.76 8.56 2.61
N VAL A 253 20.47 7.53 3.37
CA VAL A 253 21.49 6.96 4.26
C VAL A 253 22.66 6.38 3.42
N LYS A 254 22.32 5.64 2.36
CA LYS A 254 23.33 5.15 1.42
C LYS A 254 24.23 6.27 0.90
N ARG A 255 23.62 7.39 0.50
CA ARG A 255 24.39 8.58 0.04
C ARG A 255 25.40 9.13 0.99
N ARG A 256 24.96 9.32 2.22
CA ARG A 256 25.87 9.70 3.30
C ARG A 256 27.02 8.69 3.55
N MET A 257 26.67 7.39 3.60
CA MET A 257 27.71 6.40 3.90
C MET A 257 28.76 6.40 2.74
N GLU A 258 28.32 6.51 1.49
CA GLU A 258 29.25 6.52 0.33
C GLU A 258 30.08 7.81 0.27
N ARG A 259 29.48 8.93 0.61
CA ARG A 259 30.12 10.23 0.69
C ARG A 259 31.25 10.19 1.67
N GLU A 260 31.06 9.56 2.83
CA GLU A 260 32.09 9.51 3.87
C GLU A 260 33.06 8.31 3.77
N GLY A 261 32.79 7.34 2.89
CA GLY A 261 33.49 6.08 2.95
C GLY A 261 33.24 5.31 4.27
N ALA A 262 32.01 5.39 4.82
CA ALA A 262 31.70 4.84 6.18
C ALA A 262 30.89 3.59 6.06
N THR A 263 30.86 2.81 7.15
CA THR A 263 30.09 1.58 7.18
C THR A 263 29.03 1.66 8.31
N LEU A 264 28.09 0.72 8.28
CA LEU A 264 26.87 0.78 9.15
C LEU A 264 26.51 -0.63 9.66
N SER A 265 26.10 -0.74 10.93
CA SER A 265 25.49 -1.93 11.41
C SER A 265 24.29 -1.55 12.26
N THR A 266 23.49 -2.54 12.63
CA THR A 266 22.27 -2.33 13.43
C THR A 266 22.08 -3.33 14.55
N MET A 267 21.44 -2.87 15.63
CA MET A 267 20.92 -3.77 16.63
C MET A 267 19.48 -3.40 16.89
N GLU A 268 18.59 -4.37 16.79
CA GLU A 268 17.12 -4.13 16.81
C GLU A 268 16.41 -5.01 17.79
N SER A 269 15.47 -4.43 18.50
CA SER A 269 14.61 -5.21 19.38
C SER A 269 13.23 -5.17 18.76
N LEU A 270 12.45 -4.13 19.08
CA LEU A 270 11.02 -4.08 18.65
C LEU A 270 10.86 -4.24 17.11
N THR A 271 11.77 -3.68 16.29
CA THR A 271 11.58 -3.71 14.80
C THR A 271 11.89 -5.04 14.20
N GLY A 272 12.55 -5.90 14.98
CA GLY A 272 12.60 -7.32 14.61
C GLY A 272 13.39 -7.69 13.35
N GLY A 273 14.16 -6.76 12.76
CA GLY A 273 14.84 -7.06 11.49
C GLY A 273 14.39 -6.09 10.40
N LEU A 274 13.27 -5.39 10.65
CA LEU A 274 12.67 -4.48 9.67
C LEU A 274 13.60 -3.33 9.33
N LEU A 275 14.42 -2.91 10.28
CA LEU A 275 15.37 -1.85 9.98
C LEU A 275 16.46 -2.34 9.01
N GLY A 276 17.11 -3.49 9.31
CA GLY A 276 18.02 -4.08 8.34
C GLY A 276 17.32 -4.24 6.97
N ALA A 277 16.04 -4.70 6.95
CA ALA A 277 15.35 -4.98 5.74
C ALA A 277 15.22 -3.68 4.92
N GLU A 278 14.96 -2.55 5.57
CA GLU A 278 14.73 -1.30 4.86
C GLU A 278 16.10 -0.78 4.31
N ILE A 279 17.16 -0.90 5.10
CA ILE A 279 18.50 -0.52 4.65
C ILE A 279 18.89 -1.31 3.39
N THR A 280 18.64 -2.63 3.40
CA THR A 280 19.12 -3.47 2.33
C THR A 280 18.12 -3.53 1.16
N ARG A 281 16.98 -2.87 1.31
CA ARG A 281 16.01 -2.78 0.18
C ARG A 281 16.69 -2.17 -1.11
N VAL A 282 17.55 -1.18 -0.89
CA VAL A 282 18.20 -0.39 -1.95
C VAL A 282 19.42 -1.15 -2.49
N PRO A 283 19.48 -1.37 -3.83
CA PRO A 283 20.63 -2.09 -4.39
C PRO A 283 21.90 -1.38 -4.08
N GLY A 284 22.92 -2.17 -3.80
CA GLY A 284 24.26 -1.62 -3.50
C GLY A 284 24.46 -1.41 -1.99
N ALA A 285 23.47 -1.81 -1.17
CA ALA A 285 23.61 -1.67 0.29
C ALA A 285 24.86 -2.43 0.84
N SER A 286 25.28 -3.51 0.18
CA SER A 286 26.47 -4.29 0.66
C SER A 286 27.76 -3.49 0.61
N ARG A 287 27.76 -2.34 -0.04
CA ARG A 287 28.99 -1.54 -0.09
C ARG A 287 29.21 -0.88 1.31
N PHE A 288 28.15 -0.70 2.10
CA PHE A 288 28.35 -0.01 3.45
C PHE A 288 27.73 -0.76 4.65
N TYR A 289 26.70 -1.58 4.39
CA TYR A 289 26.00 -2.22 5.47
C TYR A 289 26.66 -3.56 5.84
N LEU A 290 27.24 -3.65 7.04
CA LEU A 290 28.01 -4.85 7.44
C LEU A 290 27.11 -5.97 7.95
N GLY A 291 25.94 -5.59 8.43
CA GLY A 291 24.98 -6.56 8.96
C GLY A 291 24.36 -6.06 10.27
N GLY A 292 23.70 -6.95 11.02
CA GLY A 292 23.05 -6.49 12.22
C GLY A 292 22.60 -7.68 13.08
N VAL A 293 22.12 -7.35 14.28
CA VAL A 293 21.52 -8.38 15.11
C VAL A 293 20.12 -7.98 15.49
N VAL A 294 19.31 -9.00 15.72
CA VAL A 294 17.92 -8.75 16.19
C VAL A 294 17.97 -9.38 17.58
N SER A 295 17.92 -8.55 18.62
CA SER A 295 18.09 -9.13 19.98
C SER A 295 16.69 -9.17 20.59
N TYR A 296 15.96 -10.22 20.26
CA TYR A 296 14.51 -10.21 20.62
C TYR A 296 14.29 -10.77 22.01
N SER A 297 15.10 -11.72 22.45
CA SER A 297 15.01 -12.27 23.81
C SER A 297 15.92 -11.52 24.75
N VAL A 298 15.67 -11.64 26.06
CA VAL A 298 16.59 -11.02 27.06
C VAL A 298 17.97 -11.66 26.97
N GLY A 299 18.00 -12.97 26.71
CA GLY A 299 19.28 -13.66 26.56
C GLY A 299 20.05 -13.05 25.35
N ALA A 300 19.35 -12.72 24.23
CA ALA A 300 20.06 -12.26 23.02
C ALA A 300 20.57 -10.85 23.32
N LYS A 301 19.75 -10.04 24.03
CA LYS A 301 20.13 -8.66 24.41
C LYS A 301 21.41 -8.71 25.26
N ALA A 302 21.49 -9.66 26.21
CA ALA A 302 22.71 -9.83 26.99
C ALA A 302 23.82 -10.38 26.08
N ARG A 303 23.58 -11.43 25.28
CA ARG A 303 24.60 -11.97 24.36
C ARG A 303 25.27 -10.89 23.51
N PHE A 304 24.52 -9.88 23.05
CA PHE A 304 25.04 -8.92 22.10
C PHE A 304 25.38 -7.63 22.72
N GLY A 305 25.39 -7.62 24.05
CA GLY A 305 26.10 -6.58 24.74
C GLY A 305 25.29 -5.58 25.52
N VAL A 306 23.97 -5.73 25.63
CA VAL A 306 23.22 -4.77 26.47
C VAL A 306 23.63 -5.07 27.93
N PRO A 307 24.04 -4.05 28.70
CA PRO A 307 24.55 -4.25 30.11
C PRO A 307 23.47 -4.84 31.01
N GLN A 308 23.86 -5.78 31.86
CA GLN A 308 22.95 -6.45 32.80
C GLN A 308 22.04 -5.55 33.58
N ASP A 309 22.55 -4.38 33.97
CA ASP A 309 21.80 -3.47 34.83
C ASP A 309 20.67 -2.78 34.07
N LEU A 310 20.66 -2.87 32.73
CA LEU A 310 19.61 -2.16 31.91
C LEU A 310 18.55 -3.12 31.46
N LEU A 311 18.69 -4.42 31.78
CA LEU A 311 17.76 -5.43 31.24
C LEU A 311 16.35 -5.38 31.86
N SER A 312 16.18 -4.58 32.87
CA SER A 312 14.92 -4.35 33.49
C SER A 312 14.31 -3.01 32.90
N ARG A 313 15.08 -2.19 32.18
CA ARG A 313 14.47 -1.07 31.44
C ARG A 313 15.06 -1.07 30.02
N THR A 314 14.74 -2.10 29.25
CA THR A 314 15.22 -2.13 27.85
C THR A 314 14.51 -0.97 27.08
N VAL A 315 13.36 -0.49 27.59
CA VAL A 315 12.67 0.67 26.96
C VAL A 315 13.12 1.91 27.66
N SER A 316 14.28 2.44 27.20
CA SER A 316 14.81 3.62 27.83
C SER A 316 15.89 4.22 26.91
N ALA A 317 16.25 5.45 27.13
CA ALA A 317 17.29 6.08 26.25
C ALA A 317 18.66 5.46 26.57
N GLU A 318 18.92 5.21 27.86
CA GLU A 318 20.21 4.53 28.27
C GLU A 318 20.40 3.21 27.50
N THR A 319 19.36 2.35 27.45
CA THR A 319 19.53 1.08 26.72
C THR A 319 19.73 1.27 25.24
N ALA A 320 18.97 2.19 24.63
CA ALA A 320 19.14 2.45 23.20
C ALA A 320 20.56 2.85 22.93
N ARG A 321 21.11 3.78 23.74
CA ARG A 321 22.51 4.21 23.53
C ARG A 321 23.45 3.00 23.66
N ALA A 322 23.20 2.17 24.67
CA ALA A 322 24.10 1.01 24.92
C ALA A 322 24.02 0.04 23.73
N MET A 323 22.83 -0.12 23.15
CA MET A 323 22.66 -1.07 22.01
C MET A 323 23.42 -0.59 20.78
N ALA A 324 23.30 0.71 20.49
CA ALA A 324 24.03 1.28 19.35
C ALA A 324 25.51 1.18 19.54
N GLU A 325 25.98 1.52 20.71
CA GLU A 325 27.47 1.37 21.02
C GLU A 325 27.94 -0.09 20.92
N ALA A 326 27.14 -1.04 21.40
CA ALA A 326 27.44 -2.47 21.31
C ALA A 326 27.50 -2.91 19.81
N ALA A 327 26.49 -2.50 19.01
CA ALA A 327 26.47 -2.93 17.59
C ALA A 327 27.77 -2.39 16.93
N ARG A 328 28.08 -1.14 17.21
CA ARG A 328 29.22 -0.49 16.57
C ARG A 328 30.51 -1.25 16.94
N SER A 329 30.66 -1.62 18.21
CA SER A 329 31.77 -2.43 18.64
C SER A 329 31.75 -3.87 18.10
N LEU A 330 30.56 -4.45 17.99
CA LEU A 330 30.44 -5.82 17.61
C LEU A 330 30.78 -6.00 16.10
N PHE A 331 30.44 -4.99 15.29
CA PHE A 331 30.64 -5.12 13.85
C PHE A 331 31.91 -4.36 13.38
N GLY A 332 32.41 -3.47 14.21
CA GLY A 332 33.51 -2.57 13.86
C GLY A 332 33.09 -1.64 12.76
N SER A 333 31.79 -1.24 12.76
CA SER A 333 31.27 -0.33 11.70
C SER A 333 31.55 1.13 12.11
N THR A 334 31.58 2.07 11.15
CA THR A 334 31.71 3.50 11.52
C THR A 334 30.52 3.95 12.36
N TYR A 335 29.34 3.60 11.93
CA TYR A 335 28.08 3.98 12.60
C TYR A 335 27.25 2.75 12.94
N ALA A 336 26.35 2.88 13.91
CA ALA A 336 25.37 1.89 14.15
C ALA A 336 24.10 2.54 14.63
N LEU A 337 22.99 1.89 14.29
CA LEU A 337 21.68 2.33 14.74
C LEU A 337 21.06 1.26 15.60
N ALA A 338 20.25 1.66 16.59
CA ALA A 338 19.55 0.70 17.42
C ALA A 338 18.10 1.12 17.62
N THR A 339 17.26 0.13 17.75
CA THR A 339 15.84 0.46 18.09
C THR A 339 15.42 -0.35 19.31
N THR A 340 14.67 0.34 20.20
CA THR A 340 14.08 -0.34 21.33
C THR A 340 12.76 0.33 21.70
N GLY A 341 11.80 -0.48 22.09
CA GLY A 341 10.57 0.13 22.59
C GLY A 341 9.39 -0.82 22.64
N VAL A 342 8.19 -0.24 22.66
CA VAL A 342 6.92 -1.00 22.89
C VAL A 342 6.08 -0.94 21.59
N ALA A 343 5.98 -2.07 20.88
CA ALA A 343 5.31 -2.10 19.60
C ALA A 343 3.74 -2.10 19.81
N GLY A 344 3.27 -2.64 20.93
CA GLY A 344 1.87 -3.01 21.14
C GLY A 344 1.64 -4.45 20.69
N PRO A 345 0.49 -5.05 21.07
CA PRO A 345 -0.61 -4.33 21.70
C PRO A 345 -0.44 -4.14 23.22
N ASP A 346 0.48 -4.86 23.85
CA ASP A 346 0.54 -4.82 25.34
C ASP A 346 1.67 -3.86 25.80
N PRO A 347 1.51 -3.26 27.00
CA PRO A 347 2.61 -2.45 27.50
C PRO A 347 3.79 -3.31 27.85
N LEU A 348 4.96 -2.70 28.04
CA LEU A 348 6.14 -3.45 28.42
C LEU A 348 6.92 -2.57 29.41
N GLU A 349 7.25 -3.15 30.57
CA GLU A 349 7.97 -2.43 31.62
C GLU A 349 7.16 -1.24 32.13
N GLY A 350 5.83 -1.35 32.09
CA GLY A 350 4.98 -0.21 32.50
C GLY A 350 4.82 0.85 31.44
N GLU A 351 5.44 0.69 30.25
CA GLU A 351 5.40 1.75 29.24
C GLU A 351 4.36 1.39 28.18
N PRO A 352 3.59 2.39 27.71
CA PRO A 352 2.57 2.11 26.76
C PRO A 352 3.06 1.85 25.32
N PRO A 353 2.27 1.10 24.56
CA PRO A 353 2.58 0.93 23.10
C PRO A 353 2.87 2.25 22.47
N GLY A 354 3.88 2.28 21.59
CA GLY A 354 4.28 3.47 20.84
C GLY A 354 5.49 4.17 21.46
N THR A 355 5.86 3.79 22.71
CA THR A 355 7.05 4.31 23.37
C THR A 355 8.29 3.70 22.66
N VAL A 356 9.10 4.56 22.03
CA VAL A 356 10.20 4.03 21.20
C VAL A 356 11.42 4.90 21.39
N TYR A 357 12.55 4.24 21.49
CA TYR A 357 13.82 4.96 21.48
C TYR A 357 14.66 4.49 20.27
N VAL A 358 15.28 5.43 19.57
CA VAL A 358 16.19 5.03 18.50
C VAL A 358 17.51 5.72 18.76
N ALA A 359 18.61 5.11 18.33
CA ALA A 359 19.92 5.70 18.72
C ALA A 359 20.87 5.49 17.60
N LEU A 360 21.80 6.39 17.50
CA LEU A 360 22.92 6.32 16.56
C LEU A 360 24.24 6.47 17.30
N ALA A 361 25.16 5.58 17.06
CA ALA A 361 26.51 5.71 17.56
C ALA A 361 27.47 5.91 16.41
N GLY A 362 28.45 6.78 16.64
CA GLY A 362 29.45 7.02 15.60
C GLY A 362 30.82 7.23 16.24
N PRO A 363 31.81 7.62 15.45
CA PRO A 363 33.16 7.95 15.95
C PRO A 363 33.16 9.09 16.99
N THR A 364 32.23 10.04 16.92
CA THR A 364 32.21 11.16 17.85
C THR A 364 31.25 10.94 19.04
N GLY A 365 30.67 9.75 19.16
CA GLY A 365 29.70 9.54 20.25
C GLY A 365 28.34 8.98 19.81
N ALA A 366 27.42 8.94 20.74
CA ALA A 366 26.06 8.41 20.43
C ALA A 366 24.98 9.42 20.76
N GLU A 367 23.83 9.31 20.10
CA GLU A 367 22.69 10.16 20.45
C GLU A 367 21.39 9.37 20.37
N VAL A 368 20.38 9.82 21.12
CA VAL A 368 19.13 9.06 21.23
C VAL A 368 17.94 10.01 21.01
N ARG A 369 16.93 9.51 20.33
CA ARG A 369 15.66 10.25 20.24
C ARG A 369 14.50 9.36 20.69
N ARG A 370 13.55 9.98 21.37
CA ARG A 370 12.42 9.29 21.97
C ARG A 370 11.16 9.72 21.20
N TYR A 371 10.29 8.76 20.94
CA TYR A 371 9.06 9.01 20.30
C TYR A 371 7.90 8.34 21.06
N ARG A 372 6.69 8.87 20.86
CA ARG A 372 5.48 8.26 21.35
C ARG A 372 4.56 8.12 20.13
N PHE A 373 4.70 7.03 19.39
CA PHE A 373 3.94 6.80 18.16
C PHE A 373 2.55 6.25 18.43
N PRO A 374 1.54 6.97 17.92
CA PRO A 374 0.23 6.33 17.99
C PRO A 374 0.19 5.28 16.83
N GLY A 375 -0.66 4.29 16.98
CA GLY A 375 -0.83 3.32 15.91
C GLY A 375 -0.77 1.93 16.41
N ASP A 376 -1.23 1.01 15.57
CA ASP A 376 -1.17 -0.36 15.90
C ASP A 376 0.30 -0.86 15.82
N ARG A 377 0.47 -2.13 16.17
CA ARG A 377 1.80 -2.81 16.22
C ARG A 377 2.60 -2.67 14.94
N GLU A 378 2.02 -2.98 13.78
CA GLU A 378 2.76 -2.86 12.53
C GLU A 378 3.15 -1.42 12.20
N THR A 379 2.27 -0.47 12.49
CA THR A 379 2.61 0.91 12.26
C THR A 379 3.77 1.39 13.23
N VAL A 380 3.68 1.04 14.51
CA VAL A 380 4.74 1.51 15.46
C VAL A 380 6.11 0.97 14.93
N ARG A 381 6.14 -0.30 14.58
CA ARG A 381 7.36 -0.91 14.06
C ARG A 381 7.94 -0.16 12.83
N LEU A 382 7.06 0.19 11.88
CA LEU A 382 7.48 0.93 10.68
C LEU A 382 7.95 2.31 10.97
N ARG A 383 7.24 3.00 11.84
CA ARG A 383 7.69 4.37 12.20
C ARG A 383 9.04 4.39 12.84
N SER A 384 9.30 3.37 13.64
CA SER A 384 10.58 3.24 14.36
C SER A 384 11.74 3.03 13.37
N VAL A 385 11.49 2.23 12.32
CA VAL A 385 12.50 2.05 11.26
C VAL A 385 12.90 3.38 10.68
N TYR A 386 11.89 4.16 10.23
CA TYR A 386 12.25 5.43 9.62
C TYR A 386 12.83 6.45 10.60
N ALA A 387 12.31 6.43 11.83
CA ALA A 387 12.95 7.30 12.85
C ALA A 387 14.42 6.99 13.02
N ALA A 388 14.76 5.71 12.95
CA ALA A 388 16.18 5.33 13.17
C ALA A 388 16.96 5.86 11.94
N LEU A 389 16.43 5.62 10.73
CA LEU A 389 17.16 6.10 9.55
C LEU A 389 17.30 7.61 9.54
N ALA A 390 16.28 8.31 10.02
CA ALA A 390 16.34 9.80 10.06
C ALA A 390 17.47 10.32 10.94
N LEU A 391 17.96 9.54 11.92
CA LEU A 391 19.04 10.04 12.77
C LEU A 391 20.21 10.35 11.90
N LEU A 392 20.41 9.59 10.82
CA LEU A 392 21.62 9.83 9.98
C LEU A 392 21.48 10.97 8.93
N VAL A 393 20.26 11.42 8.70
CA VAL A 393 20.05 12.41 7.63
C VAL A 393 19.21 13.62 8.09
N THR A 394 18.89 13.63 9.38
CA THR A 394 18.17 14.65 10.18
C THR A 394 16.94 15.27 9.56
N MET B 1 -32.59 -2.77 -5.17
CA MET B 1 -31.38 -2.68 -4.26
C MET B 1 -30.96 -1.24 -4.22
N GLU B 2 -30.94 -0.66 -3.02
CA GLU B 2 -30.44 0.69 -2.84
C GLU B 2 -28.90 0.78 -3.08
N ARG B 3 -28.40 2.00 -3.22
CA ARG B 3 -26.99 2.24 -3.60
C ARG B 3 -26.07 2.46 -2.36
N ALA B 4 -24.84 1.99 -2.46
CA ALA B 4 -23.81 2.50 -1.55
C ALA B 4 -22.90 3.36 -2.43
N GLU B 5 -22.58 4.56 -1.95
CA GLU B 5 -21.64 5.42 -2.67
C GLU B 5 -20.35 5.58 -1.81
N ILE B 6 -19.18 5.55 -2.46
CA ILE B 6 -17.89 5.42 -1.80
C ILE B 6 -16.91 6.41 -2.44
N LEU B 7 -16.47 7.39 -1.68
CA LEU B 7 -15.65 8.48 -2.21
C LEU B 7 -14.33 8.49 -1.40
N GLY B 8 -13.22 8.34 -2.10
CA GLY B 8 -11.83 8.52 -1.56
C GLY B 8 -11.45 9.96 -1.77
N VAL B 9 -11.26 10.69 -0.72
CA VAL B 9 -10.86 12.07 -0.85
C VAL B 9 -9.36 12.23 -0.82
N GLY B 10 -8.81 12.95 -1.80
CA GLY B 10 -7.38 13.28 -1.79
C GLY B 10 -6.91 13.52 -3.22
N THR B 11 -6.44 14.72 -3.47
CA THR B 11 -5.74 15.02 -4.74
C THR B 11 -4.67 14.03 -5.10
N GLU B 12 -3.94 13.53 -4.10
CA GLU B 12 -2.85 12.58 -4.39
C GLU B 12 -3.39 11.26 -4.93
N LEU B 13 -4.66 10.96 -4.62
CA LEU B 13 -5.29 9.73 -5.17
C LEU B 13 -5.68 9.82 -6.67
N LEU B 14 -6.11 11.00 -7.11
CA LEU B 14 -6.43 11.28 -8.51
C LEU B 14 -5.28 10.92 -9.36
N TYR B 15 -4.06 11.30 -8.93
CA TYR B 15 -2.89 11.09 -9.76
C TYR B 15 -2.22 9.77 -9.43
N GLY B 16 -2.73 9.02 -8.45
CA GLY B 16 -2.07 7.77 -8.15
C GLY B 16 -0.74 7.93 -7.43
N GLU B 17 -0.41 9.08 -6.88
CA GLU B 17 0.76 9.26 -6.02
C GLU B 17 0.65 8.28 -4.84
N THR B 18 -0.55 8.14 -4.28
CA THR B 18 -0.93 6.90 -3.62
C THR B 18 -2.09 6.33 -4.37
N LEU B 19 -2.07 5.03 -4.53
CA LEU B 19 -3.13 4.36 -5.25
C LEU B 19 -4.29 4.18 -4.31
N ASP B 20 -5.46 4.63 -4.76
CA ASP B 20 -6.66 4.45 -3.93
C ASP B 20 -7.03 2.95 -3.74
N THR B 21 -6.71 2.40 -2.56
CA THR B 21 -7.17 1.04 -2.24
C THR B 21 -8.37 1.10 -1.27
N ASN B 22 -8.56 2.23 -0.57
CA ASN B 22 -9.66 2.38 0.37
C ASN B 22 -11.04 2.17 -0.25
N THR B 23 -11.33 2.78 -1.42
CA THR B 23 -12.72 2.67 -1.92
C THR B 23 -13.02 1.23 -2.25
N ALA B 24 -12.04 0.53 -2.87
CA ALA B 24 -12.18 -0.88 -3.23
C ALA B 24 -12.33 -1.80 -2.01
N GLU B 25 -11.52 -1.56 -1.01
CA GLU B 25 -11.62 -2.35 0.23
C GLU B 25 -13.02 -2.18 0.91
N ILE B 26 -13.49 -0.94 0.92
CA ILE B 26 -14.81 -0.65 1.50
C ILE B 26 -15.89 -1.31 0.63
N ALA B 27 -15.79 -1.18 -0.73
CA ALA B 27 -16.72 -1.93 -1.63
C ALA B 27 -16.73 -3.43 -1.27
N ARG B 28 -15.55 -4.01 -1.06
CA ARG B 28 -15.49 -5.46 -0.75
C ARG B 28 -16.18 -5.78 0.57
N SER B 29 -15.97 -4.92 1.58
CA SER B 29 -16.62 -5.14 2.87
C SER B 29 -18.14 -5.10 2.80
N LEU B 30 -18.68 -4.43 1.77
CA LEU B 30 -20.14 -4.30 1.64
C LEU B 30 -20.85 -5.45 0.97
N LYS B 31 -20.07 -6.39 0.43
CA LYS B 31 -20.64 -7.59 -0.23
C LYS B 31 -21.64 -8.42 0.58
N PRO B 32 -21.48 -8.52 1.94
CA PRO B 32 -22.59 -9.22 2.68
C PRO B 32 -23.87 -8.40 2.82
N TYR B 33 -23.92 -7.21 2.24
CA TYR B 33 -25.11 -6.38 2.37
C TYR B 33 -25.75 -6.12 1.04
N ALA B 34 -27.07 -5.98 1.07
CA ALA B 34 -27.85 -5.83 -0.17
C ALA B 34 -27.86 -4.38 -0.62
N LEU B 35 -26.68 -3.92 -1.00
CA LEU B 35 -26.49 -2.60 -1.57
C LEU B 35 -25.74 -2.73 -2.89
N LYS B 36 -26.15 -1.93 -3.86
CA LYS B 36 -25.53 -1.94 -5.18
C LYS B 36 -24.34 -0.90 -5.17
N VAL B 37 -23.17 -1.28 -5.66
CA VAL B 37 -22.08 -0.31 -5.85
C VAL B 37 -21.95 -0.06 -7.37
N GLU B 38 -22.41 1.08 -7.85
CA GLU B 38 -22.43 1.34 -9.30
C GLU B 38 -21.17 2.07 -9.79
N ARG B 39 -20.52 2.78 -8.89
CA ARG B 39 -19.36 3.56 -9.23
C ARG B 39 -18.60 3.82 -7.90
N THR B 40 -17.33 4.23 -7.98
CA THR B 40 -16.66 4.85 -6.84
C THR B 40 -15.94 6.07 -7.37
N LEU B 41 -15.71 7.05 -6.53
CA LEU B 41 -15.07 8.27 -6.92
C LEU B 41 -13.81 8.48 -6.12
N ARG B 42 -12.89 9.19 -6.73
CA ARG B 42 -11.77 9.85 -6.00
C ARG B 42 -12.00 11.33 -6.23
N VAL B 43 -11.79 12.17 -5.21
CA VAL B 43 -12.15 13.57 -5.31
C VAL B 43 -11.01 14.41 -4.79
N ALA B 44 -10.72 15.51 -5.49
CA ALA B 44 -9.62 16.37 -5.08
C ALA B 44 -9.98 17.06 -3.77
N ASP B 45 -8.95 17.52 -3.05
CA ASP B 45 -9.16 18.26 -1.78
C ASP B 45 -9.59 19.71 -2.01
N GLU B 46 -10.86 19.92 -2.40
CA GLU B 46 -11.35 21.27 -2.70
C GLU B 46 -12.83 21.30 -2.25
N VAL B 47 -13.17 22.27 -1.40
CA VAL B 47 -14.45 22.25 -0.71
C VAL B 47 -15.66 22.25 -1.67
N ALA B 48 -15.69 23.16 -2.65
CA ALA B 48 -16.93 23.27 -3.50
C ALA B 48 -17.20 21.99 -4.34
N PRO B 49 -16.20 21.48 -5.07
CA PRO B 49 -16.40 20.24 -5.77
C PRO B 49 -16.73 19.07 -4.83
N LEU B 50 -16.03 18.95 -3.67
CA LEU B 50 -16.28 17.83 -2.81
C LEU B 50 -17.69 17.94 -2.29
N ALA B 51 -18.10 19.12 -1.91
CA ALA B 51 -19.48 19.28 -1.37
C ALA B 51 -20.48 18.86 -2.43
N ARG B 52 -20.23 19.28 -3.68
CA ARG B 52 -21.18 18.93 -4.77
C ARG B 52 -21.23 17.40 -4.89
N GLU B 53 -20.08 16.71 -4.88
CA GLU B 53 -20.13 15.27 -5.03
C GLU B 53 -20.78 14.59 -3.85
N VAL B 54 -20.53 15.07 -2.64
CA VAL B 54 -21.20 14.50 -1.47
C VAL B 54 -22.73 14.65 -1.51
N GLU B 55 -23.18 15.86 -1.85
CA GLU B 55 -24.63 16.13 -1.97
C GLU B 55 -25.28 15.18 -2.97
N GLU B 56 -24.63 15.00 -4.12
CA GLU B 56 -25.16 14.09 -5.13
C GLU B 56 -25.15 12.64 -4.71
N ALA B 57 -24.02 12.14 -4.14
CA ALA B 57 -23.98 10.75 -3.67
C ALA B 57 -25.06 10.49 -2.60
N PHE B 58 -25.22 11.41 -1.63
CA PHE B 58 -26.18 11.24 -0.53
C PHE B 58 -27.64 11.19 -1.09
N ALA B 59 -27.97 12.11 -2.01
CA ALA B 59 -29.31 12.09 -2.69
C ALA B 59 -29.63 10.69 -3.29
N ARG B 60 -28.70 10.06 -3.96
CA ARG B 60 -29.01 8.84 -4.65
C ARG B 60 -28.78 7.56 -3.82
N ALA B 61 -28.31 7.69 -2.57
CA ALA B 61 -27.79 6.50 -1.85
C ALA B 61 -28.42 6.19 -0.50
N ARG B 62 -28.47 4.91 -0.12
CA ARG B 62 -28.79 4.48 1.23
C ARG B 62 -27.58 4.73 2.22
N LEU B 63 -26.37 4.61 1.67
CA LEU B 63 -25.11 4.69 2.42
C LEU B 63 -24.06 5.45 1.57
N VAL B 64 -23.42 6.42 2.19
CA VAL B 64 -22.26 7.10 1.57
C VAL B 64 -21.07 6.93 2.55
N VAL B 65 -19.93 6.44 2.04
CA VAL B 65 -18.74 6.31 2.90
C VAL B 65 -17.62 7.16 2.32
N LEU B 66 -17.06 8.05 3.13
CA LEU B 66 -15.87 8.84 2.73
C LEU B 66 -14.66 8.44 3.54
N SER B 67 -13.50 8.48 2.89
CA SER B 67 -12.18 8.38 3.63
C SER B 67 -11.30 9.55 3.20
N GLY B 68 -10.51 10.05 4.14
CA GLY B 68 -9.49 11.02 3.86
C GLY B 68 -9.89 12.45 4.19
N GLY B 69 -8.87 13.26 4.34
CA GLY B 69 -9.05 14.70 4.47
C GLY B 69 -9.64 15.12 5.81
N LEU B 70 -9.50 14.25 6.81
CA LEU B 70 -9.95 14.61 8.19
C LEU B 70 -8.80 15.23 9.02
N GLY B 71 -7.64 15.41 8.43
CA GLY B 71 -6.45 16.00 9.11
C GLY B 71 -6.63 17.47 9.54
N PRO B 72 -5.53 18.12 9.98
CA PRO B 72 -5.65 19.44 10.53
C PRO B 72 -5.22 20.54 9.56
N THR B 73 -5.04 20.26 8.28
CA THR B 73 -4.37 21.23 7.39
C THR B 73 -5.34 21.91 6.45
N PRO B 74 -4.91 22.99 5.78
CA PRO B 74 -5.80 23.58 4.79
C PRO B 74 -6.16 22.68 3.57
N ASP B 75 -5.45 21.59 3.31
CA ASP B 75 -5.88 20.65 2.25
C ASP B 75 -6.85 19.56 2.80
N ASP B 76 -7.23 19.69 4.08
CA ASP B 76 -8.12 18.67 4.73
C ASP B 76 -9.49 19.32 4.89
N VAL B 77 -10.38 19.07 3.93
CA VAL B 77 -11.61 19.91 3.90
C VAL B 77 -12.89 19.05 3.92
N THR B 78 -12.75 17.75 4.24
CA THR B 78 -13.90 16.86 4.14
C THR B 78 -15.04 17.28 5.06
N ARG B 79 -14.69 17.60 6.31
CA ARG B 79 -15.72 18.03 7.27
C ARG B 79 -16.41 19.32 6.75
N GLU B 80 -15.68 20.33 6.27
CA GLU B 80 -16.38 21.54 5.79
C GLU B 80 -17.28 21.23 4.56
N ALA B 81 -16.78 20.34 3.66
CA ALA B 81 -17.54 19.99 2.47
C ALA B 81 -18.80 19.22 2.80
N VAL B 82 -18.72 18.32 3.78
CA VAL B 82 -19.89 17.50 4.16
C VAL B 82 -20.94 18.37 4.82
N ALA B 83 -20.48 19.33 5.63
CA ALA B 83 -21.40 20.20 6.34
C ALA B 83 -22.09 21.12 5.29
N LEU B 84 -21.36 21.60 4.31
CA LEU B 84 -21.98 22.32 3.18
C LEU B 84 -22.99 21.45 2.41
N ALA B 85 -22.63 20.22 2.13
CA ALA B 85 -23.47 19.32 1.34
C ALA B 85 -24.78 18.98 2.10
N LEU B 86 -24.71 18.83 3.43
CA LEU B 86 -25.89 18.49 4.19
C LEU B 86 -26.67 19.71 4.72
N GLY B 87 -26.17 20.92 4.52
CA GLY B 87 -26.82 22.17 4.96
C GLY B 87 -26.75 22.39 6.47
N GLU B 88 -25.70 21.91 7.14
CA GLU B 88 -25.59 22.00 8.62
C GLU B 88 -24.33 22.76 9.04
N PRO B 89 -24.41 23.45 10.19
CA PRO B 89 -23.25 24.20 10.69
C PRO B 89 -22.27 23.29 11.41
N LEU B 90 -20.98 23.57 11.28
CA LEU B 90 -19.94 22.81 11.98
C LEU B 90 -19.85 23.42 13.40
N GLU B 91 -19.88 22.58 14.45
CA GLU B 91 -19.84 23.03 15.83
C GLU B 91 -18.72 22.35 16.59
N LEU B 92 -17.95 23.14 17.33
CA LEU B 92 -16.86 22.61 18.15
C LEU B 92 -17.33 21.75 19.30
N ASP B 93 -16.78 20.54 19.48
CA ASP B 93 -17.22 19.74 20.61
C ASP B 93 -16.12 19.79 21.66
N GLU B 94 -16.40 20.43 22.80
CA GLU B 94 -15.36 20.65 23.81
C GLU B 94 -14.79 19.35 24.34
N ALA B 95 -15.63 18.34 24.51
CA ALA B 95 -15.16 17.08 25.08
C ALA B 95 -14.11 16.44 24.20
N VAL B 96 -14.40 16.41 22.90
CA VAL B 96 -13.42 15.84 21.92
C VAL B 96 -12.14 16.70 21.86
N LEU B 97 -12.30 18.01 21.91
CA LEU B 97 -11.13 18.88 21.95
C LEU B 97 -10.20 18.50 23.13
N GLY B 98 -10.80 18.29 24.29
CA GLY B 98 -10.12 17.92 25.51
C GLY B 98 -9.36 16.61 25.27
N GLU B 99 -10.00 15.67 24.56
CA GLU B 99 -9.39 14.39 24.25
C GLU B 99 -8.17 14.51 23.35
N ILE B 100 -8.24 15.38 22.34
CA ILE B 100 -7.08 15.64 21.48
C ILE B 100 -5.99 16.31 22.30
N GLU B 101 -6.35 17.28 23.15
CA GLU B 101 -5.33 17.95 23.98
C GLU B 101 -4.61 16.90 24.87
N ALA B 102 -5.35 15.96 25.40
CA ALA B 102 -4.74 14.95 26.24
C ALA B 102 -3.78 14.04 25.45
N PHE B 103 -4.17 13.77 24.23
CA PHE B 103 -3.36 12.98 23.31
C PHE B 103 -2.02 13.68 23.11
N PHE B 104 -2.02 14.99 22.88
CA PHE B 104 -0.72 15.69 22.76
C PHE B 104 0.04 15.78 24.11
N ARG B 105 -0.69 16.06 25.20
CA ARG B 105 -0.05 16.10 26.53
C ARG B 105 0.77 14.79 26.85
N ALA B 106 0.16 13.61 26.61
CA ALA B 106 0.78 12.30 26.84
C ALA B 106 2.10 12.19 26.11
N ARG B 107 2.19 12.88 24.98
CA ARG B 107 3.36 12.77 24.08
C ARG B 107 4.25 13.90 24.38
N GLY B 108 4.00 14.62 25.47
CA GLY B 108 4.91 15.69 25.83
C GLY B 108 4.84 16.93 24.95
N ARG B 109 3.67 17.19 24.39
CA ARG B 109 3.54 18.35 23.49
C ARG B 109 2.30 19.10 23.87
N ALA B 110 2.33 20.38 23.58
CA ALA B 110 1.11 21.16 23.64
C ALA B 110 0.40 21.04 22.30
N MET B 111 -0.92 20.88 22.38
CA MET B 111 -1.76 20.85 21.14
C MET B 111 -1.76 22.12 20.31
N PRO B 112 -1.27 22.03 19.06
CA PRO B 112 -1.25 23.19 18.16
C PRO B 112 -2.70 23.62 17.75
N GLU B 113 -2.85 24.90 17.43
CA GLU B 113 -4.17 25.49 17.27
C GLU B 113 -4.91 24.79 16.10
N ALA B 114 -4.18 24.46 15.02
CA ALA B 114 -4.75 23.78 13.86
C ALA B 114 -5.52 22.48 14.16
N ASN B 115 -5.17 21.75 15.23
CA ASN B 115 -5.86 20.53 15.55
C ASN B 115 -7.31 20.70 15.94
N ARG B 116 -7.68 21.96 16.23
CA ARG B 116 -8.96 22.29 16.80
C ARG B 116 -10.04 21.92 15.84
N LYS B 117 -9.77 22.06 14.55
CA LYS B 117 -10.84 21.79 13.61
C LYS B 117 -11.19 20.31 13.52
N GLN B 118 -10.40 19.46 14.15
CA GLN B 118 -10.69 18.03 14.17
C GLN B 118 -11.81 17.65 15.12
N ALA B 119 -12.14 18.58 16.02
CA ALA B 119 -13.17 18.40 17.01
C ALA B 119 -14.47 19.04 16.59
N MET B 120 -14.59 19.35 15.30
CA MET B 120 -15.82 19.99 14.77
C MET B 120 -16.72 18.94 14.24
N ARG B 121 -18.02 19.08 14.55
CA ARG B 121 -18.99 18.23 13.93
C ARG B 121 -20.32 18.98 13.59
N ILE B 122 -21.16 18.34 12.78
CA ILE B 122 -22.52 18.88 12.49
C ILE B 122 -23.48 18.19 13.47
N PRO B 123 -24.63 18.83 13.80
CA PRO B 123 -25.67 18.30 14.72
C PRO B 123 -26.06 16.88 14.44
N SER B 124 -26.17 16.50 13.15
CA SER B 124 -26.53 15.14 12.81
C SER B 124 -25.44 14.09 13.02
N ALA B 125 -24.20 14.53 13.33
CA ALA B 125 -23.11 13.57 13.45
C ALA B 125 -22.90 13.04 14.85
N THR B 126 -22.62 11.75 15.01
CA THR B 126 -22.04 11.28 16.23
C THR B 126 -20.59 10.93 15.94
N TRP B 127 -19.76 10.77 17.00
CA TRP B 127 -18.30 10.61 16.85
C TRP B 127 -17.92 9.19 16.73
N LEU B 128 -16.94 8.88 15.87
CA LEU B 128 -16.41 7.54 15.80
C LEU B 128 -14.99 7.66 16.39
N LYS B 129 -14.70 6.96 17.46
CA LYS B 129 -13.45 7.20 18.18
C LYS B 129 -12.30 6.67 17.37
N ASN B 130 -11.19 7.38 17.42
CA ASN B 130 -9.99 6.93 16.64
C ASN B 130 -8.77 6.88 17.63
N PRO B 131 -8.53 5.71 18.26
CA PRO B 131 -7.45 5.67 19.27
C PRO B 131 -6.08 5.63 18.60
N ARG B 132 -6.06 5.54 17.27
CA ARG B 132 -4.81 5.47 16.52
C ARG B 132 -4.34 6.77 15.83
N GLY B 133 -4.95 7.90 16.15
CA GLY B 133 -4.55 9.14 15.50
C GLY B 133 -5.28 10.24 16.17
N THR B 134 -5.26 11.44 15.61
CA THR B 134 -5.93 12.58 16.19
C THR B 134 -7.32 12.91 15.62
N ALA B 135 -7.68 12.41 14.44
CA ALA B 135 -8.96 12.78 13.82
C ALA B 135 -9.99 11.71 14.09
N PRO B 136 -10.97 12.05 14.94
CA PRO B 136 -12.06 11.10 15.01
C PRO B 136 -12.93 11.16 13.75
N GLY B 137 -13.64 10.06 13.44
CA GLY B 137 -14.58 10.02 12.30
C GLY B 137 -15.99 10.48 12.69
N TRP B 138 -16.91 10.52 11.69
CA TRP B 138 -18.34 10.86 11.93
C TRP B 138 -19.20 9.73 11.45
N TRP B 139 -20.31 9.52 12.13
CA TRP B 139 -21.42 8.73 11.57
C TRP B 139 -22.67 9.66 11.62
N VAL B 140 -23.19 10.00 10.43
CA VAL B 140 -24.38 10.85 10.27
C VAL B 140 -25.54 9.93 9.91
N ARG B 141 -26.55 9.84 10.80
CA ARG B 141 -27.82 9.22 10.43
C ARG B 141 -28.83 10.31 10.13
N LYS B 142 -29.33 10.38 8.90
CA LYS B 142 -30.23 11.51 8.53
C LYS B 142 -31.19 11.04 7.45
N GLY B 143 -32.50 11.26 7.70
CA GLY B 143 -33.51 10.74 6.80
C GLY B 143 -33.46 9.28 6.43
N GLY B 144 -33.21 8.38 7.38
CA GLY B 144 -33.10 6.98 6.97
C GLY B 144 -31.79 6.67 6.22
N LYS B 145 -30.89 7.67 6.03
CA LYS B 145 -29.64 7.42 5.30
C LYS B 145 -28.44 7.50 6.25
N ASP B 146 -27.34 6.82 5.86
CA ASP B 146 -26.09 6.87 6.62
C ASP B 146 -24.98 7.53 5.84
N LEU B 147 -24.23 8.40 6.50
CA LEU B 147 -23.02 8.92 5.85
C LEU B 147 -21.92 8.74 6.90
N VAL B 148 -20.82 8.11 6.52
CA VAL B 148 -19.72 7.81 7.46
C VAL B 148 -18.44 8.46 6.93
N LEU B 149 -17.77 9.24 7.77
CA LEU B 149 -16.46 9.85 7.43
C LEU B 149 -15.33 9.10 8.14
N LEU B 150 -14.32 8.62 7.40
CA LEU B 150 -13.23 7.85 7.94
C LEU B 150 -11.89 8.58 7.67
N PRO B 151 -10.92 8.45 8.60
CA PRO B 151 -9.58 8.99 8.32
C PRO B 151 -8.99 8.24 7.13
N GLY B 152 -8.10 8.90 6.39
CA GLY B 152 -7.49 8.21 5.19
C GLY B 152 -6.60 7.00 5.44
N PRO B 153 -5.75 7.03 6.52
CA PRO B 153 -4.81 5.85 6.65
C PRO B 153 -5.56 4.53 7.00
N PRO B 154 -5.38 3.47 6.20
CA PRO B 154 -6.01 2.18 6.50
C PRO B 154 -5.80 1.66 8.00
N PRO B 155 -4.58 1.85 8.58
CA PRO B 155 -4.43 1.36 9.97
C PRO B 155 -5.31 2.10 10.93
N GLU B 156 -5.80 3.28 10.55
CA GLU B 156 -6.63 4.02 11.44
C GLU B 156 -8.12 3.70 11.14
N TRP B 157 -8.55 3.69 9.85
CA TRP B 157 -9.98 3.54 9.59
C TRP B 157 -10.42 2.12 9.67
N ARG B 158 -9.56 1.14 9.31
CA ARG B 158 -10.04 -0.25 9.31
C ARG B 158 -10.81 -0.69 10.57
N PRO B 159 -10.24 -0.46 11.78
CA PRO B 159 -11.01 -0.96 12.94
C PRO B 159 -12.19 -0.03 13.25
N MET B 160 -12.13 1.25 12.85
CA MET B 160 -13.31 2.12 13.02
C MET B 160 -14.47 1.62 12.17
N TRP B 161 -14.18 1.24 10.91
CA TRP B 161 -15.18 0.79 9.95
C TRP B 161 -15.76 -0.52 10.38
N GLN B 162 -14.87 -1.45 10.78
CA GLN B 162 -15.30 -2.73 11.28
C GLN B 162 -16.31 -2.67 12.43
N GLU B 163 -16.16 -1.70 13.32
CA GLU B 163 -17.08 -1.52 14.40
C GLU B 163 -18.41 -0.86 13.99
N VAL B 164 -18.36 0.20 13.17
CA VAL B 164 -19.57 0.91 12.85
C VAL B 164 -20.44 0.11 11.86
N LEU B 165 -19.81 -0.66 10.98
CA LEU B 165 -20.51 -1.27 9.87
C LEU B 165 -21.78 -2.10 10.27
N PRO B 166 -21.65 -3.00 11.27
CA PRO B 166 -22.88 -3.74 11.65
C PRO B 166 -23.90 -2.86 12.36
N ARG B 167 -23.53 -1.66 12.83
CA ARG B 167 -24.49 -0.79 13.49
C ARG B 167 -25.36 0.02 12.55
N LEU B 168 -25.10 -0.09 11.24
CA LEU B 168 -25.71 0.78 10.25
C LEU B 168 -27.09 0.27 9.95
N GLY B 169 -27.37 -1.00 10.32
CA GLY B 169 -28.71 -1.55 10.09
C GLY B 169 -28.96 -1.79 8.60
N LEU B 170 -27.91 -2.11 7.84
CA LEU B 170 -28.04 -2.36 6.40
C LEU B 170 -28.70 -3.70 6.13
N PRO B 171 -29.53 -3.76 5.07
CA PRO B 171 -30.15 -5.07 4.69
C PRO B 171 -29.03 -6.10 4.33
N ARG B 172 -29.13 -7.32 4.88
CA ARG B 172 -28.17 -8.38 4.63
C ARG B 172 -28.48 -9.24 3.40
N ARG B 173 -27.45 -9.92 2.93
CA ARG B 173 -27.63 -10.96 1.94
C ARG B 173 -26.52 -12.00 2.20
N PRO B 174 -26.82 -13.30 1.97
CA PRO B 174 -25.88 -14.37 2.41
C PRO B 174 -24.66 -14.49 1.44
N TYR B 175 -23.60 -13.76 1.73
CA TYR B 175 -22.36 -13.84 0.95
C TYR B 175 -21.27 -14.39 1.84
N ALA B 176 -20.37 -15.14 1.25
CA ALA B 176 -19.17 -15.50 2.01
C ALA B 176 -17.97 -15.55 1.06
N GLU B 177 -16.76 -15.44 1.63
CA GLU B 177 -15.51 -15.69 0.86
C GLU B 177 -14.63 -16.65 1.66
N ARG B 178 -14.09 -17.70 1.05
CA ARG B 178 -13.20 -18.58 1.77
C ARG B 178 -11.89 -18.50 1.00
N VAL B 179 -10.80 -18.30 1.73
CA VAL B 179 -9.47 -18.16 1.09
C VAL B 179 -8.69 -19.36 1.54
N LEU B 180 -8.29 -20.22 0.59
CA LEU B 180 -7.46 -21.39 0.89
C LEU B 180 -6.04 -21.09 0.38
N LYS B 181 -5.07 -21.22 1.27
CA LYS B 181 -3.67 -20.74 0.98
C LYS B 181 -2.78 -21.94 0.79
N THR B 182 -2.15 -22.04 -0.36
CA THR B 182 -1.28 -23.19 -0.67
C THR B 182 0.17 -22.76 -0.84
N TRP B 183 1.04 -23.72 -1.00
CA TRP B 183 2.45 -23.41 -1.25
C TRP B 183 2.99 -24.45 -2.18
N GLY B 184 3.90 -24.05 -3.10
CA GLY B 184 4.68 -25.01 -3.90
C GLY B 184 3.92 -25.68 -5.05
N ILE B 185 2.79 -25.10 -5.49
CA ILE B 185 1.97 -25.67 -6.59
C ILE B 185 1.50 -24.51 -7.45
N GLY B 186 1.63 -24.60 -8.79
CA GLY B 186 1.30 -23.48 -9.70
C GLY B 186 -0.18 -23.41 -9.94
N GLU B 187 -0.64 -22.29 -10.45
CA GLU B 187 -2.07 -22.12 -10.85
C GLU B 187 -2.61 -23.26 -11.73
N SER B 188 -1.89 -23.56 -12.81
CA SER B 188 -2.27 -24.65 -13.76
C SER B 188 -2.44 -25.99 -13.09
N GLU B 189 -1.50 -26.36 -12.21
CA GLU B 189 -1.66 -27.65 -11.59
C GLU B 189 -2.86 -27.66 -10.67
N ILE B 190 -3.19 -26.49 -10.08
CA ILE B 190 -4.36 -26.39 -9.20
C ILE B 190 -5.67 -26.54 -10.05
N VAL B 191 -5.81 -25.75 -11.10
CA VAL B 191 -6.95 -25.87 -11.97
C VAL B 191 -7.16 -27.35 -12.32
N GLU B 192 -6.14 -27.94 -12.95
CA GLU B 192 -6.22 -29.34 -13.36
C GLU B 192 -6.49 -30.33 -12.19
N ARG B 193 -5.86 -30.15 -11.04
CA ARG B 193 -6.21 -30.99 -9.89
C ARG B 193 -7.71 -30.86 -9.49
N LEU B 194 -8.30 -29.69 -9.69
CA LEU B 194 -9.69 -29.48 -9.26
C LEU B 194 -10.70 -29.95 -10.30
N GLY B 195 -10.50 -29.48 -11.54
CA GLY B 195 -11.33 -29.89 -12.67
C GLY B 195 -12.74 -29.35 -12.54
N PRO B 196 -13.74 -30.25 -12.38
CA PRO B 196 -15.12 -29.76 -12.28
C PRO B 196 -15.35 -28.82 -11.06
N LEU B 197 -14.57 -28.97 -9.99
CA LEU B 197 -14.68 -28.08 -8.80
C LEU B 197 -14.35 -26.62 -9.09
N PHE B 198 -13.56 -26.39 -10.13
CA PHE B 198 -13.20 -25.06 -10.53
C PHE B 198 -14.41 -24.27 -11.13
N VAL B 199 -15.46 -24.11 -10.33
CA VAL B 199 -16.74 -23.56 -10.81
C VAL B 199 -16.66 -22.08 -11.09
N ARG B 200 -17.24 -21.66 -12.21
CA ARG B 200 -17.53 -20.24 -12.36
C ARG B 200 -19.00 -19.91 -12.80
N GLY B 201 -19.98 -20.43 -12.05
CA GLY B 201 -21.41 -19.99 -12.06
C GLY B 201 -21.59 -18.59 -11.47
N GLU B 202 -22.82 -18.06 -11.49
CA GLU B 202 -23.03 -16.74 -10.86
C GLU B 202 -23.45 -16.79 -9.36
N GLU B 203 -24.00 -17.94 -8.96
CA GLU B 203 -24.22 -18.36 -7.53
C GLU B 203 -22.93 -18.36 -6.65
N VAL B 204 -21.83 -18.88 -7.22
CA VAL B 204 -20.55 -19.16 -6.58
C VAL B 204 -19.42 -19.27 -7.66
N GLU B 205 -18.20 -18.85 -7.30
CA GLU B 205 -17.07 -18.89 -8.24
C GLU B 205 -15.73 -19.07 -7.53
N VAL B 206 -14.87 -19.84 -8.18
CA VAL B 206 -13.54 -20.18 -7.71
C VAL B 206 -12.51 -19.48 -8.58
N GLY B 207 -11.51 -18.90 -7.93
CA GLY B 207 -10.38 -18.16 -8.56
C GLY B 207 -9.01 -18.57 -7.95
N THR B 208 -7.93 -18.43 -8.74
CA THR B 208 -6.59 -18.65 -8.23
C THR B 208 -5.81 -17.35 -8.27
N TYR B 209 -5.12 -17.04 -7.17
CA TYR B 209 -4.42 -15.77 -7.06
C TYR B 209 -2.95 -16.04 -6.58
N PRO B 210 -1.96 -15.98 -7.48
CA PRO B 210 -0.56 -16.19 -7.09
C PRO B 210 -0.13 -15.09 -6.16
N LYS B 211 0.47 -15.45 -5.03
CA LYS B 211 1.02 -14.44 -4.12
C LYS B 211 2.46 -14.87 -3.76
N VAL B 212 3.24 -13.97 -3.18
CA VAL B 212 4.58 -14.30 -2.67
C VAL B 212 4.57 -15.41 -1.59
N HIS B 213 3.40 -15.59 -0.95
CA HIS B 213 3.29 -16.64 0.06
C HIS B 213 2.52 -17.82 -0.52
N GLY B 214 2.47 -17.91 -1.84
CA GLY B 214 1.91 -19.12 -2.45
C GLY B 214 0.58 -18.78 -3.10
N VAL B 215 0.08 -19.71 -3.91
CA VAL B 215 -1.17 -19.47 -4.65
C VAL B 215 -2.39 -19.62 -3.73
N GLU B 216 -3.13 -18.54 -3.62
CA GLU B 216 -4.44 -18.59 -2.96
C GLU B 216 -5.55 -19.15 -3.89
N VAL B 217 -6.38 -20.00 -3.33
CA VAL B 217 -7.61 -20.46 -3.94
C VAL B 217 -8.81 -19.86 -3.24
N VAL B 218 -9.52 -18.98 -3.92
CA VAL B 218 -10.53 -18.15 -3.30
C VAL B 218 -11.91 -18.64 -3.84
N VAL B 219 -12.80 -18.91 -2.91
CA VAL B 219 -14.19 -19.34 -3.20
C VAL B 219 -15.10 -18.22 -2.70
N ARG B 220 -15.93 -17.67 -3.58
CA ARG B 220 -16.79 -16.57 -3.16
C ARG B 220 -18.21 -16.62 -3.82
N GLY B 221 -19.18 -16.00 -3.16
CA GLY B 221 -20.57 -16.00 -3.60
C GLY B 221 -21.52 -16.32 -2.47
N ARG B 222 -22.57 -17.05 -2.82
CA ARG B 222 -23.66 -17.32 -1.88
C ARG B 222 -23.14 -18.23 -0.81
N GLU B 223 -23.33 -17.80 0.43
CA GLU B 223 -22.71 -18.44 1.55
C GLU B 223 -22.81 -19.99 1.58
N ASP B 224 -24.01 -20.54 1.43
CA ASP B 224 -24.15 -22.02 1.41
C ASP B 224 -23.28 -22.72 0.36
N ARG B 225 -23.29 -22.18 -0.85
CA ARG B 225 -22.48 -22.69 -1.97
C ARG B 225 -20.97 -22.61 -1.67
N VAL B 226 -20.54 -21.43 -1.20
CA VAL B 226 -19.13 -21.25 -0.75
C VAL B 226 -18.69 -22.31 0.24
N ALA B 227 -19.46 -22.51 1.31
CA ALA B 227 -19.04 -23.49 2.36
C ALA B 227 -18.83 -24.92 1.82
N GLU B 228 -19.76 -25.38 0.99
CA GLU B 228 -19.68 -26.74 0.53
C GLU B 228 -18.62 -26.91 -0.53
N LEU B 229 -18.63 -26.00 -1.50
CA LEU B 229 -17.58 -26.04 -2.52
C LEU B 229 -16.14 -25.94 -1.94
N ALA B 230 -15.94 -25.00 -1.01
CA ALA B 230 -14.65 -24.87 -0.34
C ALA B 230 -14.20 -26.14 0.42
N GLU B 231 -15.15 -26.89 0.97
CA GLU B 231 -14.81 -28.13 1.68
C GLU B 231 -14.23 -29.15 0.77
N ARG B 232 -14.86 -29.27 -0.38
CA ARG B 232 -14.46 -30.24 -1.38
C ARG B 232 -13.12 -29.86 -2.05
N ILE B 233 -12.94 -28.57 -2.33
CA ILE B 233 -11.69 -28.04 -2.89
C ILE B 233 -10.54 -28.28 -1.92
N LYS B 234 -10.83 -28.07 -0.63
CA LYS B 234 -9.85 -28.24 0.43
C LYS B 234 -9.36 -29.67 0.51
N LYS B 235 -10.27 -30.62 0.29
CA LYS B 235 -9.94 -32.03 0.20
C LYS B 235 -9.06 -32.34 -1.01
N LYS B 236 -9.37 -31.81 -2.19
CA LYS B 236 -8.52 -32.03 -3.39
C LYS B 236 -7.08 -31.46 -3.28
N LEU B 237 -6.87 -30.53 -2.34
CA LEU B 237 -5.58 -29.85 -2.23
C LEU B 237 -5.08 -30.04 -0.82
N LEU B 238 -5.55 -31.10 -0.16
CA LEU B 238 -5.26 -31.32 1.26
C LEU B 238 -3.76 -31.25 1.58
N LYS B 239 -2.92 -31.79 0.69
CA LYS B 239 -1.48 -31.77 0.90
C LYS B 239 -0.88 -30.35 0.75
N GLU B 240 -1.42 -29.55 -0.19
CA GLU B 240 -0.90 -28.24 -0.45
C GLU B 240 -1.42 -27.09 0.42
N VAL B 241 -2.56 -27.27 1.11
CA VAL B 241 -3.17 -26.15 1.85
C VAL B 241 -2.51 -26.03 3.22
N TRP B 242 -1.83 -24.92 3.51
CA TRP B 242 -1.25 -24.75 4.84
C TRP B 242 -2.08 -23.90 5.79
N GLY B 243 -3.04 -23.12 5.30
CA GLY B 243 -3.91 -22.39 6.24
C GLY B 243 -5.08 -21.75 5.47
N GLU B 244 -5.94 -21.02 6.17
CA GLU B 244 -7.10 -20.34 5.55
C GLU B 244 -7.34 -18.99 6.16
N GLY B 245 -8.13 -18.16 5.45
CA GLY B 245 -8.63 -16.90 5.99
C GLY B 245 -7.46 -16.04 6.41
N GLU B 246 -7.46 -15.66 7.69
CA GLU B 246 -6.47 -14.76 8.24
C GLU B 246 -5.09 -15.46 8.59
N MET B 247 -5.00 -16.79 8.53
CA MET B 247 -3.79 -17.53 8.89
C MET B 247 -2.66 -17.10 7.94
N THR B 248 -1.47 -16.93 8.49
CA THR B 248 -0.25 -16.58 7.76
C THR B 248 0.82 -17.57 8.14
N LEU B 249 1.81 -17.72 7.27
CA LEU B 249 2.89 -18.68 7.56
C LEU B 249 3.53 -18.32 8.91
N ALA B 250 3.69 -17.01 9.16
CA ALA B 250 4.36 -16.58 10.46
C ALA B 250 3.55 -17.00 11.67
N GLU B 251 2.22 -16.87 11.57
CA GLU B 251 1.37 -17.40 12.66
C GLU B 251 1.35 -18.95 12.76
N ALA B 252 1.39 -19.65 11.62
CA ALA B 252 1.46 -21.10 11.66
C ALA B 252 2.76 -21.56 12.36
N VAL B 253 3.88 -20.84 12.08
CA VAL B 253 5.15 -21.15 12.74
C VAL B 253 5.03 -20.96 14.21
N LYS B 254 4.41 -19.83 14.61
CA LYS B 254 4.16 -19.53 16.06
C LYS B 254 3.34 -20.67 16.71
N ARG B 255 2.29 -21.12 16.03
CA ARG B 255 1.48 -22.25 16.57
C ARG B 255 2.30 -23.51 16.80
N ARG B 256 3.14 -23.88 15.82
CA ARG B 256 4.03 -25.03 15.97
C ARG B 256 5.01 -24.86 17.15
N MET B 257 5.67 -23.69 17.24
CA MET B 257 6.66 -23.51 18.30
C MET B 257 5.96 -23.59 19.65
N GLU B 258 4.80 -22.96 19.79
CA GLU B 258 4.11 -23.02 21.11
C GLU B 258 3.59 -24.43 21.41
N ARG B 259 3.12 -25.14 20.40
CA ARG B 259 2.72 -26.55 20.60
C ARG B 259 3.89 -27.41 21.11
N GLU B 260 5.11 -27.19 20.58
CA GLU B 260 6.28 -27.97 20.97
C GLU B 260 7.00 -27.38 22.17
N GLY B 261 6.65 -26.19 22.60
CA GLY B 261 7.44 -25.51 23.62
C GLY B 261 8.88 -25.26 23.04
N ALA B 262 8.99 -24.93 21.74
CA ALA B 262 10.28 -24.79 21.06
C ALA B 262 10.61 -23.36 20.83
N THR B 263 11.90 -23.08 20.59
CA THR B 263 12.35 -21.73 20.27
C THR B 263 12.97 -21.69 18.83
N LEU B 264 13.12 -20.48 18.30
CA LEU B 264 13.54 -20.27 16.90
C LEU B 264 14.55 -19.10 16.86
N SER B 265 15.53 -19.18 15.97
CA SER B 265 16.42 -18.01 15.74
C SER B 265 16.69 -18.00 14.19
N THR B 266 17.30 -16.94 13.68
CA THR B 266 17.51 -16.88 12.21
C THR B 266 18.89 -16.26 11.89
N MET B 267 19.41 -16.64 10.74
CA MET B 267 20.54 -15.93 10.15
C MET B 267 20.17 -15.68 8.68
N GLU B 268 20.25 -14.44 8.26
CA GLU B 268 19.82 -14.04 6.95
C GLU B 268 20.93 -13.28 6.20
N SER B 269 21.06 -13.56 4.91
CA SER B 269 21.85 -12.71 4.01
C SER B 269 20.91 -11.87 3.09
N LEU B 270 20.50 -12.41 1.95
CA LEU B 270 19.78 -11.55 0.96
C LEU B 270 18.46 -10.97 1.50
N THR B 271 17.78 -11.66 2.45
CA THR B 271 16.49 -11.09 2.99
C THR B 271 16.71 -9.91 3.94
N GLY B 272 17.95 -9.73 4.39
CA GLY B 272 18.35 -8.47 5.03
C GLY B 272 17.71 -8.19 6.40
N GLY B 273 17.03 -9.17 7.04
CA GLY B 273 16.25 -8.80 8.26
C GLY B 273 14.76 -9.06 8.08
N LEU B 274 14.32 -9.26 6.81
CA LEU B 274 12.87 -9.34 6.47
C LEU B 274 12.31 -10.62 7.02
N LEU B 275 13.14 -11.66 7.22
CA LEU B 275 12.65 -12.90 7.81
C LEU B 275 12.35 -12.74 9.30
N GLY B 276 13.29 -12.16 10.03
CA GLY B 276 13.01 -11.87 11.45
C GLY B 276 11.87 -10.90 11.55
N ALA B 277 11.78 -9.94 10.58
CA ALA B 277 10.67 -8.99 10.63
C ALA B 277 9.29 -9.67 10.53
N GLU B 278 9.20 -10.63 9.63
CA GLU B 278 7.95 -11.34 9.40
C GLU B 278 7.59 -12.25 10.55
N ILE B 279 8.57 -12.96 11.10
CA ILE B 279 8.30 -13.74 12.28
C ILE B 279 7.73 -12.85 13.42
N THR B 280 8.36 -11.71 13.66
CA THR B 280 8.00 -10.87 14.81
C THR B 280 6.78 -9.98 14.53
N ARG B 281 6.25 -10.06 13.32
CA ARG B 281 5.08 -9.23 13.00
C ARG B 281 3.89 -9.70 13.86
N VAL B 282 3.87 -10.99 14.16
CA VAL B 282 2.78 -11.67 14.94
C VAL B 282 2.95 -11.48 16.47
N PRO B 283 1.94 -10.89 17.15
CA PRO B 283 1.99 -10.71 18.63
C PRO B 283 2.27 -12.00 19.31
N GLY B 284 3.07 -11.98 20.37
CA GLY B 284 3.44 -13.22 21.07
C GLY B 284 4.74 -13.84 20.57
N ALA B 285 5.34 -13.22 19.56
CA ALA B 285 6.58 -13.75 18.99
C ALA B 285 7.69 -13.92 20.04
N SER B 286 7.72 -13.08 21.08
CA SER B 286 8.80 -13.11 22.05
C SER B 286 8.72 -14.35 22.94
N ARG B 287 7.62 -15.06 22.92
CA ARG B 287 7.57 -16.33 23.61
C ARG B 287 8.38 -17.38 22.95
N PHE B 288 8.80 -17.21 21.69
CA PHE B 288 9.56 -18.34 21.09
C PHE B 288 10.79 -17.86 20.26
N TYR B 289 10.74 -16.66 19.70
CA TYR B 289 11.77 -16.19 18.79
C TYR B 289 12.85 -15.50 19.64
N LEU B 290 14.05 -16.07 19.63
CA LEU B 290 15.12 -15.57 20.48
C LEU B 290 15.86 -14.40 19.79
N GLY B 291 15.83 -14.38 18.45
CA GLY B 291 16.36 -13.26 17.67
C GLY B 291 17.19 -13.81 16.50
N GLY B 292 18.01 -12.95 15.90
CA GLY B 292 18.64 -13.38 14.63
C GLY B 292 19.86 -12.54 14.30
N VAL B 293 20.60 -13.00 13.30
CA VAL B 293 21.68 -12.23 12.72
C VAL B 293 21.32 -11.90 11.24
N VAL B 294 21.67 -10.68 10.83
CA VAL B 294 21.71 -10.26 9.41
C VAL B 294 23.20 -10.25 9.05
N SER B 295 23.65 -11.33 8.38
CA SER B 295 25.07 -11.52 8.05
C SER B 295 25.27 -10.96 6.64
N TYR B 296 25.34 -9.65 6.55
CA TYR B 296 25.34 -9.06 5.19
C TYR B 296 26.78 -8.74 4.66
N SER B 297 27.79 -9.28 5.32
CA SER B 297 29.15 -9.06 4.85
C SER B 297 29.90 -10.32 5.21
N VAL B 298 31.00 -10.62 4.49
CA VAL B 298 31.89 -11.71 4.82
C VAL B 298 32.32 -11.67 6.30
N GLY B 299 32.70 -10.50 6.76
CA GLY B 299 33.11 -10.37 8.13
C GLY B 299 32.03 -10.77 9.16
N ALA B 300 30.78 -10.44 8.87
CA ALA B 300 29.70 -10.76 9.81
C ALA B 300 29.40 -12.27 9.76
N LYS B 301 29.45 -12.83 8.56
CA LYS B 301 29.24 -14.24 8.39
C LYS B 301 30.29 -14.99 9.21
N ALA B 302 31.57 -14.61 9.05
CA ALA B 302 32.62 -15.33 9.77
C ALA B 302 32.43 -15.19 11.28
N ARG B 303 32.19 -13.96 11.71
CA ARG B 303 32.07 -13.66 13.12
C ARG B 303 31.01 -14.50 13.87
N PHE B 304 29.92 -14.80 13.15
CA PHE B 304 28.78 -15.45 13.79
C PHE B 304 28.74 -16.93 13.48
N GLY B 305 29.84 -17.42 12.91
CA GLY B 305 30.05 -18.84 12.89
C GLY B 305 29.94 -19.60 11.60
N VAL B 306 29.93 -18.91 10.47
CA VAL B 306 29.96 -19.64 9.20
C VAL B 306 31.47 -19.96 8.87
N PRO B 307 31.78 -21.21 8.54
CA PRO B 307 33.19 -21.62 8.26
C PRO B 307 33.87 -20.82 7.19
N GLN B 308 35.12 -20.42 7.47
CA GLN B 308 35.95 -19.74 6.46
C GLN B 308 35.88 -20.36 5.07
N ASP B 309 35.92 -21.68 5.00
CA ASP B 309 35.93 -22.44 3.73
C ASP B 309 34.70 -22.11 2.80
N LEU B 310 33.60 -21.58 3.38
CA LEU B 310 32.39 -21.42 2.61
C LEU B 310 32.19 -19.99 2.21
N LEU B 311 33.01 -19.09 2.74
CA LEU B 311 32.69 -17.65 2.69
C LEU B 311 32.67 -17.01 1.29
N SER B 312 33.42 -17.62 0.38
CA SER B 312 33.50 -17.09 -0.98
C SER B 312 32.49 -17.78 -1.89
N ARG B 313 31.74 -18.79 -1.39
CA ARG B 313 30.62 -19.39 -2.13
C ARG B 313 29.27 -19.21 -1.38
N THR B 314 28.68 -18.04 -1.44
CA THR B 314 27.48 -17.83 -0.67
C THR B 314 26.21 -18.38 -1.33
N VAL B 315 26.24 -18.58 -2.65
CA VAL B 315 25.00 -19.07 -3.29
C VAL B 315 25.13 -20.56 -3.36
N SER B 316 24.86 -21.22 -2.25
CA SER B 316 24.97 -22.69 -2.20
C SER B 316 24.14 -23.28 -1.08
N ALA B 317 23.80 -24.56 -1.24
CA ALA B 317 23.09 -25.33 -0.20
C ALA B 317 24.00 -25.46 1.02
N GLU B 318 25.31 -25.61 0.82
CA GLU B 318 26.27 -25.81 1.90
C GLU B 318 26.28 -24.56 2.82
N THR B 319 26.31 -23.37 2.20
CA THR B 319 26.19 -22.12 2.88
C THR B 319 24.86 -22.00 3.64
N ALA B 320 23.75 -22.32 3.00
CA ALA B 320 22.43 -22.13 3.70
C ALA B 320 22.40 -23.09 4.95
N ARG B 321 22.85 -24.33 4.80
CA ARG B 321 22.98 -25.28 5.95
C ARG B 321 23.89 -24.75 7.08
N ALA B 322 25.09 -24.29 6.70
CA ALA B 322 26.04 -23.81 7.70
C ALA B 322 25.46 -22.59 8.44
N MET B 323 24.80 -21.66 7.75
CA MET B 323 24.22 -20.50 8.40
C MET B 323 23.11 -20.89 9.38
N ALA B 324 22.26 -21.86 9.00
CA ALA B 324 21.18 -22.29 9.92
C ALA B 324 21.80 -22.95 11.20
N GLU B 325 22.83 -23.76 10.97
CA GLU B 325 23.55 -24.43 12.12
C GLU B 325 24.28 -23.39 13.00
N ALA B 326 24.85 -22.35 12.35
CA ALA B 326 25.53 -21.27 13.07
C ALA B 326 24.50 -20.49 13.93
N ALA B 327 23.37 -20.13 13.36
CA ALA B 327 22.34 -19.47 14.13
C ALA B 327 21.87 -20.30 15.35
N ARG B 328 21.56 -21.53 15.08
CA ARG B 328 21.05 -22.43 16.13
C ARG B 328 22.07 -22.53 17.27
N SER B 329 23.36 -22.68 16.94
CA SER B 329 24.39 -22.79 17.99
C SER B 329 24.59 -21.46 18.69
N LEU B 330 24.47 -20.33 17.96
CA LEU B 330 24.71 -19.01 18.54
C LEU B 330 23.58 -18.67 19.58
N PHE B 331 22.34 -18.91 19.21
CA PHE B 331 21.21 -18.57 20.08
C PHE B 331 20.78 -19.74 20.96
N GLY B 332 21.26 -20.94 20.65
CA GLY B 332 20.77 -22.11 21.42
C GLY B 332 19.28 -22.36 21.21
N SER B 333 18.75 -22.16 20.00
CA SER B 333 17.29 -22.29 19.82
C SER B 333 16.99 -23.67 19.36
N THR B 334 15.74 -24.08 19.54
CA THR B 334 15.39 -25.44 19.11
C THR B 334 15.57 -25.59 17.58
N TYR B 335 15.15 -24.57 16.85
CA TYR B 335 15.21 -24.58 15.41
C TYR B 335 15.87 -23.26 14.95
N ALA B 336 16.45 -23.29 13.77
CA ALA B 336 16.94 -22.04 13.18
C ALA B 336 16.72 -22.03 11.67
N LEU B 337 16.41 -20.83 11.14
CA LEU B 337 16.19 -20.72 9.70
C LEU B 337 17.30 -19.88 9.10
N ALA B 338 17.64 -20.15 7.84
CA ALA B 338 18.61 -19.29 7.12
C ALA B 338 18.17 -19.04 5.65
N THR B 339 18.62 -17.90 5.10
CA THR B 339 18.38 -17.57 3.70
C THR B 339 19.69 -17.08 3.06
N THR B 340 20.00 -17.60 1.88
CA THR B 340 21.13 -17.04 1.14
C THR B 340 20.80 -17.18 -0.37
N GLY B 341 21.43 -16.35 -1.22
CA GLY B 341 21.13 -16.39 -2.66
C GLY B 341 21.20 -15.04 -3.32
N VAL B 342 20.62 -14.95 -4.50
CA VAL B 342 20.74 -13.77 -5.37
C VAL B 342 19.36 -13.03 -5.44
N ALA B 343 19.30 -11.80 -4.96
CA ALA B 343 18.03 -11.10 -4.89
C ALA B 343 17.76 -10.45 -6.24
N GLY B 344 18.86 -10.13 -6.98
CA GLY B 344 18.82 -9.15 -8.07
C GLY B 344 19.06 -7.72 -7.59
N PRO B 345 19.35 -6.82 -8.52
CA PRO B 345 19.28 -6.99 -9.99
C PRO B 345 20.47 -7.69 -10.60
N ASP B 346 21.60 -7.77 -9.91
CA ASP B 346 22.83 -8.42 -10.49
C ASP B 346 22.95 -9.88 -10.24
N PRO B 347 23.55 -10.63 -11.20
CA PRO B 347 23.86 -12.00 -10.90
C PRO B 347 24.95 -12.07 -9.83
N LEU B 348 25.12 -13.22 -9.23
CA LEU B 348 26.15 -13.39 -8.18
C LEU B 348 26.72 -14.80 -8.29
N GLU B 349 28.05 -14.92 -8.44
CA GLU B 349 28.81 -16.20 -8.50
C GLU B 349 28.30 -17.01 -9.68
N GLY B 350 27.95 -16.33 -10.77
CA GLY B 350 27.43 -17.01 -11.98
C GLY B 350 25.98 -17.46 -11.89
N GLU B 351 25.25 -17.06 -10.83
CA GLU B 351 23.85 -17.48 -10.64
C GLU B 351 22.96 -16.24 -10.83
N PRO B 352 21.84 -16.39 -11.54
CA PRO B 352 20.93 -15.26 -11.86
C PRO B 352 20.11 -14.88 -10.61
N PRO B 353 19.58 -13.67 -10.57
CA PRO B 353 18.58 -13.25 -9.55
C PRO B 353 17.46 -14.29 -9.36
N GLY B 354 17.00 -14.51 -8.13
CA GLY B 354 16.01 -15.55 -7.89
C GLY B 354 16.60 -16.90 -7.46
N THR B 355 17.91 -17.08 -7.56
CA THR B 355 18.50 -18.40 -7.18
C THR B 355 18.66 -18.28 -5.66
N VAL B 356 17.85 -19.05 -4.91
CA VAL B 356 17.81 -18.90 -3.43
C VAL B 356 17.88 -20.25 -2.76
N TYR B 357 18.68 -20.35 -1.70
CA TYR B 357 18.60 -21.54 -0.82
C TYR B 357 18.09 -21.14 0.54
N VAL B 358 17.13 -21.93 1.10
CA VAL B 358 16.62 -21.66 2.46
C VAL B 358 16.89 -22.92 3.25
N ALA B 359 17.19 -22.77 4.55
CA ALA B 359 17.59 -23.98 5.31
C ALA B 359 16.94 -23.94 6.69
N LEU B 360 16.68 -25.12 7.27
CA LEU B 360 16.14 -25.27 8.60
C LEU B 360 17.08 -26.22 9.34
N ALA B 361 17.54 -25.80 10.53
CA ALA B 361 18.38 -26.73 11.35
C ALA B 361 17.55 -27.01 12.58
N GLY B 362 17.45 -28.29 12.95
CA GLY B 362 16.63 -28.65 14.14
C GLY B 362 17.35 -29.76 14.92
N PRO B 363 16.66 -30.38 15.87
CA PRO B 363 17.23 -31.46 16.71
C PRO B 363 17.77 -32.57 15.82
N THR B 364 17.07 -32.92 14.72
CA THR B 364 17.52 -34.09 13.92
C THR B 364 18.40 -33.76 12.76
N GLY B 365 18.85 -32.53 12.65
CA GLY B 365 19.79 -32.22 11.57
C GLY B 365 19.26 -31.04 10.74
N ALA B 366 19.75 -30.89 9.52
CA ALA B 366 19.44 -29.68 8.74
C ALA B 366 18.78 -30.09 7.45
N GLU B 367 17.89 -29.25 6.94
CA GLU B 367 17.45 -29.46 5.56
C GLU B 367 17.53 -28.19 4.73
N VAL B 368 17.68 -28.35 3.41
CA VAL B 368 17.90 -27.21 2.52
C VAL B 368 16.97 -27.32 1.34
N ARG B 369 16.40 -26.21 0.90
CA ARG B 369 15.58 -26.28 -0.28
C ARG B 369 16.03 -25.17 -1.24
N ARG B 370 16.21 -25.53 -2.52
CA ARG B 370 16.59 -24.57 -3.52
C ARG B 370 15.38 -24.08 -4.32
N TYR B 371 15.38 -22.80 -4.64
CA TYR B 371 14.29 -22.21 -5.44
C TYR B 371 14.89 -21.41 -6.53
N ARG B 372 14.11 -21.27 -7.64
CA ARG B 372 14.45 -20.26 -8.65
C ARG B 372 13.29 -19.36 -8.82
N PHE B 373 13.31 -18.20 -8.18
CA PHE B 373 12.13 -17.39 -8.06
C PHE B 373 12.06 -16.38 -9.18
N PRO B 374 10.85 -16.14 -9.73
CA PRO B 374 10.63 -14.95 -10.61
C PRO B 374 10.45 -13.67 -9.76
N GLY B 375 10.69 -12.51 -10.37
CA GLY B 375 10.33 -11.23 -9.80
C GLY B 375 11.54 -10.33 -9.62
N ASP B 376 11.27 -9.06 -9.35
CA ASP B 376 12.29 -8.09 -9.13
C ASP B 376 12.97 -8.32 -7.70
N ARG B 377 13.92 -7.47 -7.32
CA ARG B 377 14.68 -7.63 -6.09
C ARG B 377 13.74 -7.80 -4.88
N GLU B 378 12.80 -6.88 -4.73
CA GLU B 378 11.94 -6.91 -3.54
C GLU B 378 11.09 -8.13 -3.52
N THR B 379 10.62 -8.56 -4.69
CA THR B 379 9.72 -9.76 -4.74
C THR B 379 10.54 -11.02 -4.37
N VAL B 380 11.78 -11.12 -4.88
CA VAL B 380 12.60 -12.29 -4.59
C VAL B 380 12.89 -12.31 -3.06
N ARG B 381 13.18 -11.15 -2.50
CA ARG B 381 13.41 -11.12 -1.03
C ARG B 381 12.20 -11.64 -0.29
N LEU B 382 11.02 -11.19 -0.69
CA LEU B 382 9.77 -11.65 -0.10
C LEU B 382 9.51 -13.11 -0.24
N ARG B 383 9.69 -13.64 -1.46
CA ARG B 383 9.38 -15.04 -1.64
C ARG B 383 10.38 -15.85 -0.80
N SER B 384 11.60 -15.33 -0.64
CA SER B 384 12.60 -16.11 0.14
C SER B 384 12.16 -16.21 1.62
N VAL B 385 11.56 -15.16 2.15
CA VAL B 385 11.08 -15.13 3.55
C VAL B 385 10.00 -16.19 3.71
N TYR B 386 9.03 -16.19 2.79
CA TYR B 386 7.91 -17.20 2.92
C TYR B 386 8.42 -18.61 2.69
N ALA B 387 9.41 -18.78 1.80
CA ALA B 387 9.95 -20.13 1.58
C ALA B 387 10.68 -20.65 2.86
N ALA B 388 11.36 -19.76 3.58
CA ALA B 388 12.07 -20.23 4.79
C ALA B 388 10.97 -20.62 5.80
N LEU B 389 9.96 -19.76 5.95
CA LEU B 389 8.82 -20.14 6.86
C LEU B 389 8.19 -21.46 6.50
N ALA B 390 7.99 -21.68 5.20
CA ALA B 390 7.36 -22.90 4.72
C ALA B 390 8.10 -24.15 5.13
N LEU B 391 9.41 -24.07 5.32
CA LEU B 391 10.18 -25.24 5.83
C LEU B 391 9.58 -25.80 7.13
N LEU B 392 8.97 -24.94 7.97
CA LEU B 392 8.47 -25.40 9.30
C LEU B 392 7.02 -25.79 9.27
N VAL B 393 6.29 -25.33 8.29
CA VAL B 393 4.83 -25.54 8.31
C VAL B 393 4.24 -26.06 7.04
N THR B 394 5.07 -26.56 6.12
CA THR B 394 4.55 -27.26 4.95
C THR B 394 5.30 -28.61 4.91
N1 APR C . -6.28 0.23 -14.78
C2 APR C . -5.30 -0.69 -15.09
N3 APR C . -5.50 -1.72 -15.92
C4 APR C . -6.73 -1.92 -16.48
C5 APR C . -7.81 -0.97 -16.22
C6 APR C . -7.52 0.14 -15.30
N6 APR C . -8.44 1.11 -14.99
N7 APR C . -8.90 -1.40 -16.92
C8 APR C . -8.55 -2.50 -17.59
N9 APR C . -7.25 -2.80 -17.31
C1' APR C . -6.43 -3.95 -17.82
C2' APR C . -6.67 -5.07 -16.81
O2' APR C . -5.54 -5.91 -16.96
C3' APR C . -7.86 -5.79 -17.42
O3' APR C . -7.88 -7.15 -16.96
O4' APR C . -6.88 -4.45 -19.12
C4' APR C . -7.55 -5.72 -18.94
C5' APR C . -8.78 -5.86 -19.80
O5' APR C . -9.75 -4.89 -19.34
PA APR C . -11.08 -4.64 -20.19
O1A APR C . -11.89 -3.47 -19.63
O2A APR C . -11.88 -5.89 -20.41
O3A APR C . -10.50 -4.26 -21.63
PB APR C . -11.47 -3.98 -22.89
O1B APR C . -11.34 -2.53 -23.31
O2B APR C . -12.87 -4.51 -22.69
O5D APR C . -10.74 -4.87 -23.99
C5D APR C . -10.21 -6.19 -23.70
O4D APR C . -10.82 -6.86 -25.95
O1D APR C . -11.06 -6.37 -28.30
C1D APR C . -10.21 -6.43 -27.17
O2D APR C . -8.50 -4.70 -27.72
C2D APR C . -9.43 -5.19 -26.76
O3D APR C . -7.58 -6.53 -26.12
C3D APR C . -8.70 -5.82 -25.59
C4D APR C . -9.71 -6.80 -25.00
MG MG D . -13.90 -6.06 -21.27
S SO4 E . 23.47 -5.44 -2.47
O1 SO4 E . 24.68 -4.62 -2.45
O2 SO4 E . 22.67 -5.07 -3.67
O3 SO4 E . 22.64 -5.10 -1.31
O4 SO4 E . 23.66 -6.83 -2.43
N1 APR F . -6.28 4.44 -0.29
C2 APR F . -5.16 4.01 0.37
N3 APR F . -4.51 4.80 1.21
C4 APR F . -4.92 6.06 1.51
C5 APR F . -6.14 6.58 0.91
C6 APR F . -6.80 5.68 -0.07
N6 APR F . -7.95 6.07 -0.71
N7 APR F . -6.35 7.85 1.39
C8 APR F . -5.37 8.13 2.27
N9 APR F . -4.54 7.05 2.32
C1' APR F . -3.33 6.96 3.14
C2' APR F . -2.16 7.50 2.31
O2' APR F . -0.94 6.93 2.78
C3' APR F . -2.24 8.94 2.73
O3' APR F . -1.02 9.60 2.52
O4' APR F . -3.52 7.81 4.25
C4' APR F . -2.57 8.84 4.21
C5' APR F . -3.08 10.11 4.83
O5' APR F . -4.23 10.50 4.06
PA APR F . -5.15 11.73 4.49
O1A APR F . -6.31 11.91 3.61
O2A APR F . -4.39 13.03 4.65
O3A APR F . -5.76 11.26 5.88
PB APR F . -6.49 12.23 6.92
O1B APR F . -7.85 11.71 7.11
O2B APR F . -6.48 13.67 6.62
O5D APR F . -5.73 11.96 8.35
C5D APR F . -4.33 12.13 8.39
O4D APR F . -4.16 13.17 10.53
O1D APR F . -5.22 13.62 12.59
C1D APR F . -4.50 12.68 11.80
O2D APR F . -5.64 10.81 12.54
C2D APR F . -5.39 11.53 11.35
O3D APR F . -3.27 10.35 11.22
C3D APR F . -4.37 10.88 10.43
C4D APR F . -3.73 12.03 9.78
MG MG G . -4.78 14.84 5.83
S SO4 H . 5.86 -9.88 21.30
O1 SO4 H . 6.61 -8.92 22.00
O2 SO4 H . 5.79 -11.12 22.02
O3 SO4 H . 6.60 -10.08 20.03
O4 SO4 H . 4.47 -9.45 21.02
#